data_8JII
#
_entry.id   8JII
#
_cell.length_a   1.00
_cell.length_b   1.00
_cell.length_c   1.00
_cell.angle_alpha   90.00
_cell.angle_beta   90.00
_cell.angle_gamma   90.00
#
_symmetry.space_group_name_H-M   'P 1'
#
loop_
_entity.id
_entity.type
_entity.pdbx_description
1 polymer 'Guanine nucleotide-binding protein G(I)/G(S)/G(T) subunit beta-1'
2 polymer 'Guanine nucleotide-binding protein G(I)/G(S)/G(O) subunit gamma-2'
3 polymer 'Guanine nucleotide-binding protein G(i) subunit alpha-1'
4 polymer scFv16
5 polymer 'Hydroxycarboxylic acid receptor 2'
6 non-polymer 'NICOTINIC ACID'
7 non-polymer CHOLESTEROL
8 non-polymer 7-methyl-N-[(2R)-1-phenoxypropan-2-yl]-3-(4-propan-2-ylphenyl)pyrazolo[1,5-a]pyrimidine-6-carboxamide
9 water water
#
loop_
_entity_poly.entity_id
_entity_poly.type
_entity_poly.pdbx_seq_one_letter_code
_entity_poly.pdbx_strand_id
1 'polypeptide(L)'
;MHHHHLEVLFQGPGSSGSELDQLRQEAEQLKNQIRDARKACADATLSQITNNIDPVGRIQMRTRRTLRGHLAKIYAMHWG
TDSRLLVSASQDGKLIIWDSYTTNKVHAIPLRSSWVMTCAYAPSGNYVACGGLDNICSIYNLKTREGNVRVSRELAGHTG
YLSCCRFLDDNQIVTSSGDTTCALWDIETGQQTTTFTGHTGDVMSLSLAPDTRLFVSGACDASAKLWDVREGMCRQTFTG
HESDINAICFFPNGNAFATGSDDATCRLFDLRADQELMTYSHDNIICGITSVSFSKSGRLLLAGYDDFNCNVWDALKADR
AGVLAGHDNRVSCLGVTDDGMAVATGSWDSFLKIWN
;
B
2 'polypeptide(L)' MASNNTASIAQARKLVEQLKMEANIDRIKVSKAAADLMAYCEAHAKEDPLLTPVPASENPFREKKFFCAIL C
3 'polypeptide(L)'
;MGCTLSAEDKAAVERSKMIDRNLREDGEKAAREVKLLLLGAGESGKNTIVKQMKIIHEAGYSEEECKQYKAVVYSNTIQS
IIAIIRAMGRLKIDFGDSARADDARQLFVLAGAAEEGFMTAELAGVIKRLWKDSGVQACFNRSREYQLNDSAAYYLNDLD
RIAQPNYIPTQQDVLRTRVKTTGIVETHFTFKDLHFKMFDVGAQRSERKKWIHCFEGVTAIIFCVALSDYDLVLAEDEEM
NRMHASMKLFDSICNNKWFTDTSIILFLNKKDLFEEKIKKSPLTICYPEYAGSNTYEEAAAYIQCQFEDLNKRKDTKEIY
THFTCSTDTKNVQFVFDAVTDVIIKNNLKDCGLF
;
D
4 'polypeptide(L)'
;DVQLVESGGGLVQPGGSRKLSCSASGFAFSSFGMHWVRQAPEKGLEWVAYISSGSGTIYYADTVKGRFTISRDDPKNTLF
LQMTSLRSEDTAMYYCVRSIYYYGSSPFDFWGQGTTLTVSSGGGGSGGGGSGGGGSDIVMTQATSSVPVTPGESVSISCR
SSKSLLHSNGNTYLYWFLQRPGQSPQLLIYRMSNLASGVPDRFSGSGSGTAFTLTISRLEAEDVGVYYCMQHLEYPLTFG
AGTKLELKAAAENLYFQGHHHHHHHH
;
S
5 'polypeptide(L)'
;MKTIIALSYIFCLVFADYKDDDDAHHHHHHHHHHMNRHHLQDHFLEIDKKNCCVFRDDFIVKVLPPVLGLEFIFGLLGNG
LALWIFCFHLKSWKSSRIFLFNLAVADFLLIICLPFLMDNYVRRWDWKFGDIPCRLMLFMLAMNRQGSIIFLTVVAVDRY
FRVVHPHHALNKISNRTAAIISCLLWGITIGLTVHLLKKKMPIQNGGANLCSSFSICHTFQWHEAMFLLEFFLPLGIILF
CSARIIWSLRQRQMDRHAKIKRAITFIMVVAIVFVICFLPSVVVRIRIFWLLHTSGTQNCEVYRSVDLAFFITLSFTYMN
SMLDPVVYYFSSPSFPNFFSTLINRCLQRKMTGEPDNNRSTSVELTGDPNKTRGAPEALMANSGEPWSPSYLGPTSP
;
A
#
# COMPACT_ATOMS: atom_id res chain seq x y z
N GLY A 17 22.32 23.62 46.05
CA GLY A 17 22.04 23.21 47.42
C GLY A 17 20.93 24.00 48.08
N SER A 18 21.31 25.01 48.87
CA SER A 18 20.32 25.84 49.53
C SER A 18 19.48 26.62 48.52
N GLU A 19 20.14 27.21 47.51
CA GLU A 19 19.41 27.91 46.46
C GLU A 19 18.52 26.95 45.69
N LEU A 20 19.01 25.75 45.41
CA LEU A 20 18.21 24.73 44.74
C LEU A 20 16.94 24.43 45.52
N ASP A 21 17.07 24.17 46.82
CA ASP A 21 15.91 23.84 47.64
C ASP A 21 14.94 25.02 47.72
N GLN A 22 15.46 26.24 47.92
CA GLN A 22 14.56 27.39 48.04
C GLN A 22 13.84 27.65 46.73
N LEU A 23 14.51 27.44 45.59
CA LEU A 23 13.86 27.69 44.30
C LEU A 23 12.84 26.60 43.99
N ARG A 24 13.11 25.35 44.40
CA ARG A 24 12.11 24.31 44.23
C ARG A 24 10.88 24.59 45.10
N GLN A 25 11.09 25.06 46.33
CA GLN A 25 9.96 25.44 47.17
C GLN A 25 9.18 26.60 46.56
N GLU A 26 9.89 27.57 45.98
CA GLU A 26 9.22 28.67 45.30
C GLU A 26 8.40 28.18 44.12
N ALA A 27 8.95 27.24 43.34
CA ALA A 27 8.19 26.67 42.22
C ALA A 27 6.95 25.94 42.72
N GLU A 28 7.09 25.19 43.82
CA GLU A 28 5.95 24.47 44.37
C GLU A 28 4.85 25.42 44.83
N GLN A 29 5.24 26.53 45.47
CA GLN A 29 4.22 27.47 45.93
C GLN A 29 3.60 28.28 44.79
N LEU A 30 4.36 28.55 43.72
CA LEU A 30 3.74 29.05 42.50
C LEU A 30 2.73 28.07 41.93
N LYS A 31 3.07 26.77 41.93
CA LYS A 31 2.11 25.77 41.47
C LYS A 31 0.85 25.79 42.30
N ASN A 32 1.00 25.87 43.63
CA ASN A 32 -0.17 25.92 44.51
C ASN A 32 -1.02 27.17 44.25
N GLN A 33 -0.36 28.32 44.08
CA GLN A 33 -1.10 29.56 43.82
C GLN A 33 -1.84 29.49 42.49
N ILE A 34 -1.19 28.94 41.46
CA ILE A 34 -1.84 28.82 40.15
C ILE A 34 -3.02 27.85 40.23
N ARG A 35 -2.87 26.77 41.00
CA ARG A 35 -3.97 25.83 41.18
C ARG A 35 -5.15 26.50 41.89
N ASP A 36 -4.86 27.32 42.91
CA ASP A 36 -5.93 28.05 43.58
C ASP A 36 -6.62 29.02 42.63
N ALA A 37 -5.84 29.72 41.81
CA ALA A 37 -6.43 30.66 40.85
C ALA A 37 -7.29 29.94 39.82
N ARG A 38 -6.86 28.74 39.41
CA ARG A 38 -7.65 27.97 38.46
C ARG A 38 -8.93 27.44 39.09
N LYS A 39 -8.86 27.04 40.37
CA LYS A 39 -10.05 26.59 41.07
C LYS A 39 -11.05 27.71 41.29
N ALA A 40 -10.57 28.91 41.60
CA ALA A 40 -11.46 30.03 41.90
C ALA A 40 -12.29 30.46 40.70
N CYS A 41 -11.86 30.12 39.48
CA CYS A 41 -12.55 30.52 38.28
C CYS A 41 -13.50 29.45 37.74
N ALA A 42 -13.72 28.39 38.50
CA ALA A 42 -14.60 27.29 38.10
C ALA A 42 -15.90 27.41 38.88
N ASP A 43 -17.01 27.61 38.17
CA ASP A 43 -18.33 27.66 38.79
C ASP A 43 -19.38 26.81 38.09
N ALA A 44 -19.19 26.49 36.81
CA ALA A 44 -20.11 25.62 36.10
C ALA A 44 -19.32 24.76 35.13
N THR A 45 -19.90 23.63 34.75
CA THR A 45 -19.29 22.73 33.78
C THR A 45 -19.98 22.88 32.43
N LEU A 46 -19.35 22.32 31.40
CA LEU A 46 -19.97 22.35 30.07
C LEU A 46 -21.23 21.50 30.06
N SER A 47 -21.23 20.37 30.77
CA SER A 47 -22.40 19.49 30.77
C SER A 47 -23.63 20.17 31.37
N GLN A 48 -23.44 20.86 32.50
CA GLN A 48 -24.58 21.50 33.16
C GLN A 48 -25.23 22.54 32.25
N ILE A 49 -24.42 23.38 31.60
CA ILE A 49 -24.98 24.39 30.72
C ILE A 49 -25.60 23.74 29.48
N THR A 50 -24.95 22.70 28.94
CA THR A 50 -25.44 22.03 27.74
C THR A 50 -26.59 21.07 28.01
N ASN A 51 -27.03 20.96 29.26
CA ASN A 51 -28.18 20.11 29.57
C ASN A 51 -29.47 20.61 28.92
N ASN A 52 -29.48 21.85 28.42
CA ASN A 52 -30.71 22.42 27.87
C ASN A 52 -30.93 22.00 26.42
N ILE A 53 -29.87 22.04 25.60
CA ILE A 53 -29.99 21.85 24.16
C ILE A 53 -30.36 20.40 23.84
N ASP A 54 -30.73 20.15 22.58
CA ASP A 54 -31.22 18.83 22.19
C ASP A 54 -30.19 18.07 21.37
N PRO A 55 -30.17 16.74 21.47
CA PRO A 55 -29.11 15.97 20.82
C PRO A 55 -29.31 15.87 19.32
N VAL A 56 -28.22 15.55 18.63
CA VAL A 56 -28.27 15.23 17.21
C VAL A 56 -28.50 13.74 17.05
N GLY A 57 -29.19 13.36 15.98
CA GLY A 57 -29.48 11.97 15.74
C GLY A 57 -28.23 11.19 15.38
N ARG A 58 -28.34 9.87 15.53
CA ARG A 58 -27.23 8.99 15.20
C ARG A 58 -26.79 9.20 13.76
N ILE A 59 -25.47 9.30 13.56
CA ILE A 59 -24.91 9.66 12.26
C ILE A 59 -24.58 8.37 11.50
N GLN A 60 -25.08 8.27 10.28
CA GLN A 60 -24.81 7.14 9.39
C GLN A 60 -23.94 7.62 8.25
N MET A 61 -22.71 7.14 8.21
CA MET A 61 -21.74 7.55 7.20
C MET A 61 -21.29 6.32 6.41
N ARG A 62 -21.26 6.46 5.09
CA ARG A 62 -21.00 5.34 4.20
C ARG A 62 -19.75 5.60 3.39
N THR A 63 -18.88 4.60 3.31
CA THR A 63 -17.64 4.71 2.53
C THR A 63 -17.95 4.97 1.06
N ARG A 64 -17.62 6.17 0.58
CA ARG A 64 -17.83 6.51 -0.82
C ARG A 64 -16.66 6.09 -1.69
N ARG A 65 -15.46 6.54 -1.36
CA ARG A 65 -14.26 6.22 -2.10
C ARG A 65 -13.34 5.35 -1.25
N THR A 66 -12.58 4.50 -1.94
CA THR A 66 -11.48 3.75 -1.33
C THR A 66 -10.23 4.00 -2.16
N LEU A 67 -9.16 4.41 -1.49
CA LEU A 67 -7.93 4.83 -2.14
C LEU A 67 -6.86 3.79 -1.83
N ARG A 68 -6.40 3.08 -2.85
CA ARG A 68 -5.47 1.99 -2.67
C ARG A 68 -4.26 2.15 -3.58
N GLY A 69 -3.14 1.54 -3.16
CA GLY A 69 -1.89 1.68 -3.88
C GLY A 69 -0.67 1.73 -2.99
N HIS A 70 -0.86 2.05 -1.71
CA HIS A 70 0.25 1.98 -0.75
C HIS A 70 0.51 0.53 -0.38
N LEU A 71 1.80 0.18 -0.26
CA LEU A 71 2.21 -1.19 0.02
C LEU A 71 2.73 -1.39 1.44
N ALA A 72 2.48 -0.45 2.35
CA ALA A 72 2.96 -0.60 3.72
C ALA A 72 2.15 0.34 4.61
N LYS A 73 2.53 0.39 5.88
CA LYS A 73 1.74 1.11 6.88
C LYS A 73 1.75 2.61 6.61
N ILE A 74 0.58 3.22 6.66
CA ILE A 74 0.43 4.66 6.41
C ILE A 74 0.53 5.40 7.73
N TYR A 75 1.38 6.42 7.78
CA TYR A 75 1.69 7.10 9.03
C TYR A 75 1.14 8.52 9.12
N ALA A 76 0.87 9.19 8.00
CA ALA A 76 0.34 10.55 8.07
C ALA A 76 -0.39 10.88 6.78
N MET A 77 -1.25 11.90 6.87
CA MET A 77 -1.97 12.43 5.71
C MET A 77 -2.35 13.88 6.00
N HIS A 78 -2.61 14.63 4.93
CA HIS A 78 -3.06 16.01 5.06
C HIS A 78 -3.96 16.37 3.89
N TRP A 79 -4.94 17.24 4.17
CA TRP A 79 -5.90 17.70 3.18
C TRP A 79 -5.42 18.98 2.52
N GLY A 80 -5.66 19.10 1.22
CA GLY A 80 -5.42 20.34 0.54
C GLY A 80 -6.41 21.42 0.96
N THR A 81 -6.08 22.66 0.63
CA THR A 81 -6.93 23.78 1.02
C THR A 81 -8.06 24.02 0.03
N ASP A 82 -8.08 23.32 -1.10
CA ASP A 82 -9.22 23.31 -1.99
C ASP A 82 -10.19 22.17 -1.71
N SER A 83 -9.86 21.32 -0.73
CA SER A 83 -10.71 20.21 -0.30
C SER A 83 -10.96 19.21 -1.43
N ARG A 84 -9.99 19.04 -2.31
CA ARG A 84 -10.12 18.05 -3.38
C ARG A 84 -8.89 17.16 -3.46
N LEU A 85 -7.74 17.67 -3.05
CA LEU A 85 -6.49 16.93 -3.11
C LEU A 85 -5.98 16.63 -1.71
N LEU A 86 -5.29 15.49 -1.57
CA LEU A 86 -4.68 15.11 -0.30
C LEU A 86 -3.37 14.40 -0.58
N VAL A 87 -2.53 14.32 0.45
CA VAL A 87 -1.21 13.72 0.36
C VAL A 87 -1.09 12.66 1.45
N SER A 88 -0.45 11.54 1.14
CA SER A 88 -0.31 10.45 2.08
C SER A 88 1.12 9.93 2.09
N ALA A 89 1.60 9.54 3.27
CA ALA A 89 2.96 9.09 3.50
C ALA A 89 2.95 7.76 4.24
N SER A 90 3.83 6.85 3.82
CA SER A 90 3.90 5.51 4.37
C SER A 90 5.35 5.06 4.44
N GLN A 91 5.60 4.06 5.27
CA GLN A 91 6.93 3.44 5.39
C GLN A 91 7.36 2.73 4.12
N ASP A 92 6.51 2.69 3.08
CA ASP A 92 6.91 2.13 1.81
C ASP A 92 8.07 2.92 1.20
N GLY A 93 8.17 4.21 1.51
CA GLY A 93 9.15 5.07 0.92
C GLY A 93 8.64 6.01 -0.15
N LYS A 94 7.32 6.20 -0.24
CA LYS A 94 6.72 7.06 -1.25
C LYS A 94 5.75 8.03 -0.60
N LEU A 95 5.52 9.15 -1.28
CA LEU A 95 4.59 10.18 -0.85
C LEU A 95 3.66 10.45 -2.02
N ILE A 96 2.36 10.24 -1.84
CA ILE A 96 1.42 10.21 -2.96
C ILE A 96 0.42 11.34 -2.82
N ILE A 97 0.07 11.97 -3.95
CA ILE A 97 -0.93 13.02 -3.99
C ILE A 97 -2.12 12.52 -4.81
N TRP A 98 -3.31 12.54 -4.21
CA TRP A 98 -4.50 11.93 -4.79
C TRP A 98 -5.43 12.99 -5.37
N ASP A 99 -6.56 12.51 -5.89
CA ASP A 99 -7.68 13.34 -6.32
C ASP A 99 -8.94 12.69 -5.76
N SER A 100 -9.52 13.29 -4.73
CA SER A 100 -10.57 12.62 -3.97
C SER A 100 -11.82 12.37 -4.80
N TYR A 101 -12.22 13.33 -5.64
CA TYR A 101 -13.46 13.20 -6.40
C TYR A 101 -13.42 12.04 -7.39
N THR A 102 -12.24 11.73 -7.92
CA THR A 102 -12.12 10.78 -9.02
C THR A 102 -11.28 9.55 -8.66
N THR A 103 -10.53 9.61 -7.55
CA THR A 103 -9.65 8.52 -7.11
C THR A 103 -8.51 8.30 -8.10
N ASN A 104 -7.85 9.38 -8.50
CA ASN A 104 -6.69 9.33 -9.36
C ASN A 104 -5.44 9.70 -8.59
N LYS A 105 -4.29 9.44 -9.19
CA LYS A 105 -3.00 9.82 -8.64
C LYS A 105 -2.40 10.92 -9.49
N VAL A 106 -2.08 12.04 -8.86
CA VAL A 106 -1.47 13.18 -9.53
C VAL A 106 0.05 13.08 -9.52
N HIS A 107 0.64 12.87 -8.36
CA HIS A 107 2.09 12.79 -8.18
C HIS A 107 2.43 11.65 -7.24
N ALA A 108 3.60 11.05 -7.46
CA ALA A 108 4.16 10.04 -6.57
C ALA A 108 5.64 10.34 -6.41
N ILE A 109 6.03 10.81 -5.23
CA ILE A 109 7.38 11.31 -4.97
C ILE A 109 8.15 10.23 -4.21
N PRO A 110 9.36 9.89 -4.64
CA PRO A 110 10.20 8.99 -3.84
C PRO A 110 10.83 9.75 -2.67
N LEU A 111 11.47 8.99 -1.80
CA LEU A 111 12.10 9.53 -0.61
C LEU A 111 13.48 8.94 -0.43
N ARG A 112 14.33 9.67 0.30
CA ARG A 112 15.67 9.22 0.60
C ARG A 112 15.73 8.43 1.90
N SER A 113 14.97 8.84 2.90
CA SER A 113 14.86 8.14 4.17
C SER A 113 13.48 7.48 4.22
N SER A 114 13.44 6.16 4.08
CA SER A 114 12.18 5.43 4.08
C SER A 114 11.46 5.46 5.43
N TRP A 115 12.06 6.04 6.45
CA TRP A 115 11.48 6.02 7.80
C TRP A 115 10.71 7.32 8.06
N VAL A 116 9.68 7.53 7.24
CA VAL A 116 8.92 8.78 7.28
C VAL A 116 7.82 8.67 8.33
N MET A 117 7.54 9.80 8.98
CA MET A 117 6.56 9.85 10.04
C MET A 117 5.58 11.01 9.93
N THR A 118 5.83 12.00 9.09
CA THR A 118 4.91 13.12 8.92
C THR A 118 4.77 13.47 7.46
N CYS A 119 3.83 14.38 7.18
CA CYS A 119 3.66 14.98 5.86
C CYS A 119 2.83 16.23 6.04
N ALA A 120 2.99 17.19 5.12
CA ALA A 120 2.24 18.44 5.21
C ALA A 120 2.05 19.02 3.83
N TYR A 121 0.89 19.63 3.61
CA TYR A 121 0.50 20.25 2.35
C TYR A 121 0.49 21.76 2.54
N ALA A 122 1.14 22.48 1.63
CA ALA A 122 1.24 23.93 1.78
C ALA A 122 -0.14 24.58 1.59
N PRO A 123 -0.40 25.70 2.28
CA PRO A 123 -1.72 26.33 2.17
C PRO A 123 -1.93 27.08 0.87
N SER A 124 -0.93 27.13 0.00
CA SER A 124 -1.08 27.71 -1.32
C SER A 124 -1.02 26.66 -2.44
N GLY A 125 -0.56 25.45 -2.15
CA GLY A 125 -0.54 24.38 -3.12
C GLY A 125 0.77 24.19 -3.86
N ASN A 126 1.80 24.96 -3.53
CA ASN A 126 3.07 24.86 -4.25
C ASN A 126 4.00 23.80 -3.69
N TYR A 127 4.18 23.78 -2.36
CA TYR A 127 5.15 22.90 -1.72
C TYR A 127 4.48 21.83 -0.89
N VAL A 128 5.25 20.79 -0.56
CA VAL A 128 4.89 19.81 0.45
C VAL A 128 6.11 19.58 1.34
N ALA A 129 5.88 18.96 2.49
CA ALA A 129 6.95 18.72 3.46
C ALA A 129 6.83 17.32 4.02
N CYS A 130 7.99 16.69 4.28
CA CYS A 130 8.04 15.32 4.77
C CYS A 130 9.21 15.15 5.73
N GLY A 131 9.06 14.23 6.68
CA GLY A 131 10.14 13.97 7.61
C GLY A 131 9.86 13.00 8.75
N GLY A 132 10.93 12.45 9.32
CA GLY A 132 10.87 11.64 10.51
C GLY A 132 12.02 10.65 10.68
N LEU A 133 12.41 10.40 11.93
CA LEU A 133 13.34 9.34 12.31
C LEU A 133 14.66 9.41 11.53
N ASP A 134 14.95 10.57 10.94
CA ASP A 134 16.19 10.76 10.20
C ASP A 134 16.78 12.12 10.54
N ASN A 135 16.08 12.94 11.32
CA ASN A 135 16.50 14.23 11.89
C ASN A 135 16.40 15.38 10.88
N ILE A 136 15.83 15.16 9.70
CA ILE A 136 15.83 16.14 8.62
C ILE A 136 14.40 16.35 8.13
N CYS A 137 14.03 17.60 7.88
CA CYS A 137 12.73 17.94 7.31
C CYS A 137 12.94 18.40 5.87
N SER A 138 12.29 17.74 4.92
CA SER A 138 12.50 18.01 3.50
C SER A 138 11.30 18.76 2.94
N ILE A 139 11.58 19.75 2.09
CA ILE A 139 10.58 20.59 1.45
C ILE A 139 10.67 20.36 -0.06
N TYR A 140 9.59 19.85 -0.65
CA TYR A 140 9.50 19.51 -2.06
C TYR A 140 8.66 20.54 -2.82
N ASN A 141 9.10 20.85 -4.03
CA ASN A 141 8.48 21.84 -4.89
C ASN A 141 7.71 21.15 -6.02
N LEU A 142 6.42 21.45 -6.13
CA LEU A 142 5.52 20.71 -7.01
C LEU A 142 5.34 21.36 -8.38
N LYS A 143 5.49 22.68 -8.49
CA LYS A 143 5.25 23.39 -9.74
C LYS A 143 6.59 23.87 -10.28
N THR A 144 7.17 23.08 -11.18
CA THR A 144 8.46 23.39 -11.77
C THR A 144 8.32 23.45 -13.29
N ARG A 145 9.19 24.24 -13.92
CA ARG A 145 9.20 24.32 -15.38
C ARG A 145 9.72 23.04 -16.02
N GLU A 146 10.39 22.18 -15.26
CA GLU A 146 10.98 20.96 -15.82
C GLU A 146 10.05 19.75 -15.74
N GLY A 147 8.86 19.90 -15.16
CA GLY A 147 7.84 18.88 -15.25
C GLY A 147 7.77 17.88 -14.13
N ASN A 148 8.73 17.87 -13.21
CA ASN A 148 8.77 16.89 -12.14
C ASN A 148 8.88 17.59 -10.78
N VAL A 149 8.89 16.77 -9.73
CA VAL A 149 8.93 17.24 -8.35
C VAL A 149 10.33 16.97 -7.81
N ARG A 150 11.00 18.02 -7.34
CA ARG A 150 12.37 17.93 -6.88
C ARG A 150 12.51 18.64 -5.53
N VAL A 151 13.46 18.17 -4.73
CA VAL A 151 13.64 18.68 -3.37
C VAL A 151 14.10 20.14 -3.45
N SER A 152 13.31 21.03 -2.86
CA SER A 152 13.65 22.44 -2.85
C SER A 152 14.51 22.81 -1.65
N ARG A 153 14.30 22.17 -0.50
CA ARG A 153 15.07 22.51 0.69
C ARG A 153 15.18 21.29 1.59
N GLU A 154 16.22 21.29 2.42
CA GLU A 154 16.51 20.15 3.30
C GLU A 154 17.01 20.71 4.63
N LEU A 155 16.08 20.90 5.57
CA LEU A 155 16.41 21.53 6.85
C LEU A 155 16.94 20.48 7.83
N ALA A 156 18.11 20.79 8.42
CA ALA A 156 18.76 19.94 9.39
C ALA A 156 19.14 20.77 10.61
N GLY A 157 19.26 20.11 11.76
CA GLY A 157 19.58 20.82 12.98
C GLY A 157 18.91 20.25 14.22
N HIS A 158 18.00 19.31 14.05
CA HIS A 158 17.41 18.62 15.19
C HIS A 158 18.30 17.45 15.61
N THR A 159 18.05 16.93 16.81
CA THR A 159 18.77 15.79 17.35
C THR A 159 17.79 14.71 17.80
N GLY A 160 16.74 14.50 17.01
CA GLY A 160 15.71 13.52 17.33
C GLY A 160 14.70 13.46 16.21
N TYR A 161 13.90 12.40 16.23
CA TYR A 161 12.96 12.16 15.14
C TYR A 161 11.92 13.28 15.07
N LEU A 162 11.66 13.76 13.85
CA LEU A 162 10.62 14.73 13.60
C LEU A 162 9.26 14.08 13.78
N SER A 163 8.38 14.70 14.58
CA SER A 163 7.08 14.13 14.85
C SER A 163 5.93 14.99 14.35
N CYS A 164 6.19 16.18 13.82
CA CYS A 164 5.15 17.02 13.23
C CYS A 164 5.81 18.15 12.45
N CYS A 165 5.17 18.56 11.36
CA CYS A 165 5.62 19.70 10.57
C CYS A 165 4.42 20.35 9.91
N ARG A 166 4.23 21.65 10.14
CA ARG A 166 3.08 22.37 9.64
C ARG A 166 3.53 23.68 9.01
N PHE A 167 3.13 23.91 7.76
CA PHE A 167 3.49 25.13 7.05
C PHE A 167 2.79 26.31 7.71
N LEU A 168 3.57 27.33 8.07
CA LEU A 168 2.99 28.54 8.65
C LEU A 168 2.53 29.48 7.55
N ASP A 169 3.36 29.68 6.54
CA ASP A 169 2.99 30.37 5.31
C ASP A 169 3.81 29.74 4.19
N ASP A 170 3.91 30.43 3.06
CA ASP A 170 4.59 29.87 1.90
C ASP A 170 6.11 29.82 2.09
N ASN A 171 6.66 30.61 3.01
CA ASN A 171 8.10 30.67 3.22
C ASN A 171 8.46 30.59 4.70
N GLN A 172 7.73 29.78 5.46
CA GLN A 172 8.04 29.53 6.87
C GLN A 172 7.48 28.16 7.22
N ILE A 173 8.04 27.53 8.24
CA ILE A 173 7.55 26.21 8.66
C ILE A 173 7.95 25.96 10.11
N VAL A 174 7.04 25.37 10.88
CA VAL A 174 7.26 25.08 12.29
C VAL A 174 7.29 23.56 12.47
N THR A 175 8.31 23.06 13.15
CA THR A 175 8.52 21.64 13.32
C THR A 175 8.70 21.31 14.80
N SER A 176 8.41 20.06 15.16
CA SER A 176 8.57 19.56 16.52
C SER A 176 9.31 18.24 16.46
N SER A 177 10.28 18.06 17.36
CA SER A 177 11.17 16.92 17.27
C SER A 177 11.09 16.06 18.53
N GLY A 178 11.80 14.94 18.48
CA GLY A 178 11.91 14.01 19.57
C GLY A 178 13.04 14.27 20.54
N ASP A 179 13.59 15.48 20.53
CA ASP A 179 14.59 15.90 21.52
C ASP A 179 14.06 17.03 22.39
N THR A 180 12.75 17.07 22.60
CA THR A 180 12.09 18.04 23.48
C THR A 180 12.30 19.47 23.00
N THR A 181 11.96 19.72 21.73
CA THR A 181 12.20 21.02 21.15
C THR A 181 11.34 21.23 19.91
N CYS A 182 10.78 22.44 19.79
CA CYS A 182 10.15 22.91 18.57
C CYS A 182 11.00 24.01 17.95
N ALA A 183 10.88 24.17 16.64
CA ALA A 183 11.73 25.13 15.95
C ALA A 183 10.99 25.75 14.77
N LEU A 184 11.25 27.03 14.54
CA LEU A 184 10.69 27.77 13.41
C LEU A 184 11.78 28.00 12.38
N TRP A 185 11.47 27.72 11.12
CA TRP A 185 12.45 27.75 10.05
C TRP A 185 12.00 28.65 8.91
N ASP A 186 12.94 29.43 8.40
CA ASP A 186 12.79 30.18 7.17
C ASP A 186 13.32 29.31 6.02
N ILE A 187 12.43 28.94 5.10
CA ILE A 187 12.78 27.95 4.09
C ILE A 187 13.85 28.46 3.14
N GLU A 188 13.89 29.77 2.91
CA GLU A 188 14.84 30.32 1.93
C GLU A 188 16.27 30.21 2.45
N THR A 189 16.56 30.82 3.59
CA THR A 189 17.91 30.75 4.15
C THR A 189 18.24 29.34 4.65
N GLY A 190 17.33 28.75 5.42
CA GLY A 190 17.51 27.41 5.92
C GLY A 190 17.90 27.30 7.37
N GLN A 191 17.90 28.39 8.12
CA GLN A 191 18.37 28.42 9.49
C GLN A 191 17.24 28.78 10.43
N GLN A 192 17.26 28.19 11.63
CA GLN A 192 16.24 28.43 12.63
C GLN A 192 16.15 29.91 12.96
N THR A 193 14.92 30.43 12.99
CA THR A 193 14.67 31.79 13.45
C THR A 193 14.32 31.84 14.93
N THR A 194 13.55 30.87 15.44
CA THR A 194 13.22 30.80 16.85
C THR A 194 13.23 29.35 17.27
N THR A 195 13.55 29.11 18.54
CA THR A 195 13.58 27.78 19.13
C THR A 195 12.74 27.79 20.40
N PHE A 196 11.77 26.87 20.48
CA PHE A 196 10.88 26.76 21.61
C PHE A 196 11.31 25.55 22.44
N THR A 197 11.65 25.80 23.71
CA THR A 197 12.12 24.78 24.64
C THR A 197 11.29 24.84 25.91
N GLY A 198 11.27 23.73 26.64
CA GLY A 198 10.54 23.67 27.90
C GLY A 198 9.89 22.33 28.16
N HIS A 199 9.70 21.53 27.11
CA HIS A 199 9.15 20.20 27.30
C HIS A 199 10.20 19.27 27.89
N THR A 200 9.73 18.32 28.70
CA THR A 200 10.59 17.36 29.37
C THR A 200 10.75 16.06 28.59
N GLY A 201 9.69 15.60 27.93
CA GLY A 201 9.72 14.41 27.12
C GLY A 201 9.52 14.71 25.65
N ASP A 202 9.55 13.64 24.85
CA ASP A 202 9.48 13.78 23.41
C ASP A 202 8.18 14.48 23.01
N VAL A 203 8.29 15.40 22.06
CA VAL A 203 7.14 16.17 21.60
C VAL A 203 6.51 15.44 20.42
N MET A 204 5.21 15.12 20.55
CA MET A 204 4.56 14.24 19.60
C MET A 204 3.64 14.94 18.62
N SER A 205 3.07 16.10 18.96
CA SER A 205 2.22 16.75 17.98
C SER A 205 2.16 18.25 18.23
N LEU A 206 1.73 18.97 17.20
CA LEU A 206 1.45 20.40 17.29
C LEU A 206 0.31 20.75 16.34
N SER A 207 -0.37 21.85 16.65
CA SER A 207 -1.46 22.33 15.81
C SER A 207 -1.46 23.85 15.83
N LEU A 208 -1.83 24.43 14.69
CA LEU A 208 -1.73 25.87 14.44
C LEU A 208 -3.08 26.55 14.64
N ALA A 209 -3.03 27.80 15.11
CA ALA A 209 -4.23 28.58 15.30
C ALA A 209 -4.81 29.01 13.95
N PRO A 210 -6.10 29.31 13.90
CA PRO A 210 -6.70 29.75 12.63
C PRO A 210 -6.09 31.01 12.06
N ASP A 211 -5.57 31.91 12.90
CA ASP A 211 -4.93 33.13 12.44
C ASP A 211 -3.41 32.99 12.30
N THR A 212 -2.87 31.81 12.59
CA THR A 212 -1.44 31.53 12.49
C THR A 212 -0.61 32.57 13.25
N ARG A 213 -0.89 32.68 14.54
CA ARG A 213 -0.11 33.55 15.42
C ARG A 213 0.27 32.80 16.68
N LEU A 214 -0.50 31.76 17.01
CA LEU A 214 -0.24 30.88 18.13
C LEU A 214 -0.30 29.44 17.66
N PHE A 215 0.22 28.54 18.47
CA PHE A 215 0.07 27.11 18.21
C PHE A 215 0.25 26.37 19.53
N VAL A 216 -0.21 25.13 19.54
CA VAL A 216 -0.14 24.30 20.73
C VAL A 216 0.67 23.05 20.43
N SER A 217 1.36 22.55 21.44
CA SER A 217 2.18 21.36 21.33
C SER A 217 1.82 20.39 22.44
N GLY A 218 1.89 19.10 22.12
CA GLY A 218 1.62 18.03 23.04
C GLY A 218 2.70 16.98 23.00
N ALA A 219 3.25 16.65 24.17
CA ALA A 219 4.47 15.87 24.30
C ALA A 219 4.21 14.61 25.13
N CYS A 220 5.27 13.81 25.28
CA CYS A 220 5.22 12.55 26.00
C CYS A 220 5.37 12.72 27.51
N ASP A 221 5.20 13.93 28.03
CA ASP A 221 5.24 14.17 29.46
C ASP A 221 3.87 14.48 30.06
N ALA A 222 2.80 14.14 29.34
CA ALA A 222 1.42 14.35 29.80
C ALA A 222 1.17 15.82 30.11
N SER A 223 1.60 16.70 29.21
CA SER A 223 1.33 18.12 29.33
C SER A 223 1.32 18.73 27.94
N ALA A 224 0.62 19.86 27.82
CA ALA A 224 0.50 20.60 26.58
C ALA A 224 0.85 22.05 26.82
N LYS A 225 1.35 22.72 25.78
CA LYS A 225 1.86 24.08 25.92
C LYS A 225 1.38 24.95 24.77
N LEU A 226 1.08 26.21 25.08
CA LEU A 226 0.62 27.18 24.10
C LEU A 226 1.74 28.17 23.82
N TRP A 227 2.37 28.03 22.66
CA TRP A 227 3.52 28.84 22.29
C TRP A 227 3.09 30.16 21.66
N ASP A 228 4.06 30.90 21.16
CA ASP A 228 3.84 32.19 20.52
C ASP A 228 4.83 32.34 19.39
N VAL A 229 4.33 32.47 18.16
CA VAL A 229 5.20 32.45 16.99
C VAL A 229 6.11 33.66 16.94
N ARG A 230 5.61 34.83 17.29
CA ARG A 230 6.39 36.06 17.15
C ARG A 230 7.45 36.18 18.24
N GLU A 231 7.01 36.24 19.50
CA GLU A 231 7.92 36.49 20.60
C GLU A 231 8.70 35.23 21.02
N GLY A 232 8.26 34.06 20.59
CA GLY A 232 9.03 32.84 20.83
C GLY A 232 9.16 32.44 22.28
N MET A 233 8.07 32.46 23.03
CA MET A 233 8.11 32.01 24.42
C MET A 233 6.81 31.30 24.76
N CYS A 234 6.89 30.42 25.76
CA CYS A 234 5.71 29.76 26.26
C CYS A 234 4.81 30.76 26.96
N ARG A 235 3.50 30.53 26.88
CA ARG A 235 2.50 31.43 27.43
C ARG A 235 1.63 30.78 28.48
N GLN A 236 1.37 29.47 28.37
CA GLN A 236 0.36 28.82 29.19
C GLN A 236 0.48 27.32 29.01
N THR A 237 0.25 26.58 30.10
CA THR A 237 0.43 25.14 30.12
C THR A 237 -0.83 24.45 30.62
N PHE A 238 -1.13 23.28 30.04
CA PHE A 238 -2.34 22.53 30.31
C PHE A 238 -1.97 21.11 30.68
N THR A 239 -2.27 20.71 31.91
CA THR A 239 -2.04 19.37 32.41
C THR A 239 -3.38 18.69 32.71
N GLY A 240 -3.32 17.41 33.06
CA GLY A 240 -4.52 16.68 33.38
C GLY A 240 -4.56 15.24 32.87
N HIS A 241 -3.80 14.94 31.83
CA HIS A 241 -3.79 13.59 31.28
C HIS A 241 -2.96 12.67 32.17
N GLU A 242 -2.77 11.43 31.71
CA GLU A 242 -1.97 10.46 32.45
C GLU A 242 -0.97 9.70 31.59
N SER A 243 -0.91 9.96 30.29
CA SER A 243 0.01 9.26 29.40
C SER A 243 0.38 10.21 28.27
N ASP A 244 0.88 9.64 27.17
CA ASP A 244 1.31 10.42 26.03
C ASP A 244 0.16 11.27 25.49
N ILE A 245 0.51 12.27 24.69
CA ILE A 245 -0.46 13.09 23.97
C ILE A 245 -0.19 12.85 22.49
N ASN A 246 -0.89 11.90 21.90
CA ASN A 246 -0.57 11.47 20.54
C ASN A 246 -1.14 12.39 19.47
N ALA A 247 -2.12 13.23 19.80
CA ALA A 247 -2.78 14.05 18.79
C ALA A 247 -3.44 15.25 19.45
N ILE A 248 -3.53 16.35 18.70
CA ILE A 248 -4.05 17.60 19.22
C ILE A 248 -4.57 18.42 18.04
N CYS A 249 -5.59 19.24 18.29
CA CYS A 249 -6.24 20.02 17.23
C CYS A 249 -7.04 21.16 17.84
N PHE A 250 -7.05 22.30 17.15
CA PHE A 250 -7.86 23.45 17.54
C PHE A 250 -9.33 23.33 17.17
N PHE A 251 -10.17 23.92 18.01
CA PHE A 251 -11.56 24.18 17.66
C PHE A 251 -11.61 25.23 16.56
N PRO A 252 -12.57 25.16 15.64
CA PRO A 252 -12.62 26.16 14.56
C PRO A 252 -12.74 27.59 15.03
N ASN A 253 -13.33 27.83 16.19
CA ASN A 253 -13.40 29.19 16.73
C ASN A 253 -12.02 29.72 17.10
N GLY A 254 -11.08 28.83 17.39
CA GLY A 254 -9.74 29.23 17.77
C GLY A 254 -9.55 29.49 19.25
N ASN A 255 -10.54 29.21 20.08
CA ASN A 255 -10.46 29.47 21.51
C ASN A 255 -10.57 28.19 22.34
N ALA A 256 -10.24 27.04 21.75
CA ALA A 256 -10.24 25.78 22.46
C ALA A 256 -9.51 24.76 21.62
N PHE A 257 -9.17 23.63 22.23
CA PHE A 257 -8.55 22.54 21.50
C PHE A 257 -8.88 21.22 22.19
N ALA A 258 -8.57 20.12 21.51
CA ALA A 258 -8.90 18.78 22.01
C ALA A 258 -7.65 17.91 21.98
N THR A 259 -7.38 17.26 23.10
CA THR A 259 -6.19 16.43 23.27
C THR A 259 -6.57 14.96 23.26
N GLY A 260 -5.82 14.17 22.48
CA GLY A 260 -6.03 12.74 22.42
C GLY A 260 -4.85 11.97 22.98
N SER A 261 -5.07 11.31 24.10
CA SER A 261 -4.02 10.67 24.87
C SER A 261 -3.83 9.22 24.43
N ASP A 262 -3.08 8.47 25.26
CA ASP A 262 -2.79 7.07 25.04
C ASP A 262 -3.42 6.19 26.11
N ASP A 263 -4.23 6.77 26.99
CA ASP A 263 -4.94 6.02 28.03
C ASP A 263 -6.43 5.90 27.73
N ALA A 264 -6.79 5.87 26.44
CA ALA A 264 -8.17 5.74 25.98
C ALA A 264 -9.05 6.86 26.55
N THR A 265 -8.63 8.10 26.32
CA THR A 265 -9.37 9.26 26.81
C THR A 265 -9.03 10.48 25.96
N CYS A 266 -10.04 11.28 25.65
CA CYS A 266 -9.85 12.58 25.00
C CYS A 266 -10.34 13.67 25.95
N ARG A 267 -9.80 14.87 25.77
CA ARG A 267 -10.19 15.99 26.63
C ARG A 267 -10.35 17.26 25.81
N LEU A 268 -11.19 18.17 26.31
CA LEU A 268 -11.36 19.48 25.71
C LEU A 268 -10.76 20.53 26.64
N PHE A 269 -9.76 21.26 26.15
CA PHE A 269 -9.09 22.30 26.90
C PHE A 269 -9.45 23.67 26.33
N ASP A 270 -9.54 24.65 27.22
CA ASP A 270 -9.96 26.00 26.88
C ASP A 270 -8.79 26.96 27.09
N LEU A 271 -8.60 27.88 26.15
CA LEU A 271 -7.51 28.84 26.23
C LEU A 271 -7.81 29.99 27.18
N ARG A 272 -8.95 30.66 26.98
CA ARG A 272 -9.23 31.87 27.76
C ARG A 272 -9.41 31.56 29.24
N ALA A 273 -9.99 30.40 29.56
CA ALA A 273 -10.03 29.88 30.92
C ALA A 273 -9.20 28.61 30.94
N ASP A 274 -8.09 28.63 31.69
CA ASP A 274 -7.19 27.49 31.71
C ASP A 274 -7.78 26.35 32.52
N GLN A 275 -8.71 25.61 31.93
CA GLN A 275 -9.45 24.59 32.64
C GLN A 275 -9.67 23.39 31.73
N GLU A 276 -10.01 22.27 32.36
CA GLU A 276 -10.57 21.12 31.66
C GLU A 276 -12.06 21.35 31.44
N LEU A 277 -12.48 21.29 30.18
CA LEU A 277 -13.88 21.53 29.84
C LEU A 277 -14.72 20.27 29.93
N MET A 278 -14.35 19.21 29.22
CA MET A 278 -15.12 17.97 29.28
C MET A 278 -14.32 16.82 28.68
N THR A 279 -14.62 15.62 29.18
CA THR A 279 -13.86 14.40 28.91
C THR A 279 -14.66 13.43 28.06
N TYR A 280 -14.00 12.84 27.06
CA TYR A 280 -14.60 11.84 26.19
C TYR A 280 -13.95 10.49 26.47
N SER A 281 -14.72 9.58 27.04
CA SER A 281 -14.23 8.24 27.39
C SER A 281 -15.40 7.33 27.66
N HIS A 282 -15.20 6.05 27.35
CA HIS A 282 -16.18 5.01 27.64
C HIS A 282 -15.46 3.83 28.30
N ASP A 283 -16.20 3.09 29.13
CA ASP A 283 -15.62 1.96 29.84
C ASP A 283 -15.34 0.78 28.93
N ASN A 284 -15.92 0.76 27.73
CA ASN A 284 -15.65 -0.33 26.80
C ASN A 284 -14.40 -0.06 25.98
N ILE A 285 -13.75 1.09 26.19
CA ILE A 285 -12.55 1.44 25.46
C ILE A 285 -11.37 1.46 26.43
N ILE A 286 -10.35 0.67 26.13
CA ILE A 286 -9.19 0.54 27.00
C ILE A 286 -7.91 0.81 26.20
N CYS A 287 -8.06 1.32 24.99
CA CYS A 287 -6.94 1.54 24.07
C CYS A 287 -6.89 2.99 23.63
N GLY A 288 -5.67 3.50 23.43
CA GLY A 288 -5.48 4.92 23.27
C GLY A 288 -5.70 5.43 21.87
N ILE A 289 -6.07 6.70 21.79
CA ILE A 289 -6.36 7.41 20.54
C ILE A 289 -5.06 7.70 19.80
N THR A 290 -5.16 7.82 18.48
CA THR A 290 -4.03 8.19 17.65
C THR A 290 -4.28 9.38 16.74
N SER A 291 -5.48 9.94 16.71
CA SER A 291 -5.83 11.05 15.84
C SER A 291 -7.11 11.70 16.33
N VAL A 292 -7.18 13.03 16.21
CA VAL A 292 -8.31 13.82 16.70
C VAL A 292 -8.63 14.90 15.68
N SER A 293 -9.93 15.13 15.44
CA SER A 293 -10.36 16.20 14.55
C SER A 293 -11.75 16.68 14.97
N PHE A 294 -12.10 17.89 14.53
CA PHE A 294 -13.42 18.48 14.71
C PHE A 294 -14.19 18.52 13.40
N SER A 295 -15.35 19.17 13.45
CA SER A 295 -16.22 19.38 12.30
C SER A 295 -16.38 20.87 12.07
N LYS A 296 -16.73 21.22 10.82
CA LYS A 296 -16.75 22.62 10.40
C LYS A 296 -17.59 23.49 11.32
N SER A 297 -18.70 22.98 11.84
CA SER A 297 -19.54 23.72 12.78
C SER A 297 -19.15 23.49 14.23
N GLY A 298 -18.14 22.66 14.49
CA GLY A 298 -17.72 22.36 15.84
C GLY A 298 -18.73 21.60 16.67
N ARG A 299 -19.37 20.60 16.07
CA ARG A 299 -20.35 19.77 16.76
C ARG A 299 -19.94 18.31 16.85
N LEU A 300 -19.04 17.84 16.00
CA LEU A 300 -18.63 16.45 15.99
C LEU A 300 -17.12 16.39 16.19
N LEU A 301 -16.68 15.57 17.14
CA LEU A 301 -15.27 15.28 17.33
C LEU A 301 -15.00 13.86 16.89
N LEU A 302 -14.17 13.70 15.87
CA LEU A 302 -13.84 12.40 15.32
C LEU A 302 -12.52 11.96 15.93
N ALA A 303 -12.49 10.75 16.48
CA ALA A 303 -11.32 10.22 17.16
C ALA A 303 -10.94 8.87 16.58
N GLY A 304 -9.67 8.70 16.25
CA GLY A 304 -9.20 7.47 15.66
C GLY A 304 -8.52 6.56 16.66
N TYR A 305 -9.23 5.51 17.08
CA TYR A 305 -8.72 4.60 18.08
C TYR A 305 -7.86 3.52 17.43
N ASP A 306 -7.12 2.78 18.25
CA ASP A 306 -6.30 1.68 17.75
C ASP A 306 -6.94 0.32 18.02
N ASP A 307 -8.24 0.30 18.31
CA ASP A 307 -9.05 -0.90 18.31
C ASP A 307 -9.64 -1.22 16.95
N PHE A 308 -8.95 -0.75 15.89
CA PHE A 308 -9.23 -1.01 14.49
C PHE A 308 -10.32 -0.12 13.89
N ASN A 309 -10.89 0.82 14.64
CA ASN A 309 -11.96 1.61 14.05
C ASN A 309 -12.01 3.00 14.68
N CYS A 310 -12.74 3.89 14.02
CA CYS A 310 -12.91 5.28 14.41
C CYS A 310 -14.19 5.47 15.21
N ASN A 311 -14.31 6.64 15.84
CA ASN A 311 -15.47 6.98 16.64
C ASN A 311 -15.83 8.43 16.40
N VAL A 312 -17.12 8.74 16.55
CA VAL A 312 -17.66 10.08 16.38
C VAL A 312 -18.36 10.47 17.67
N TRP A 313 -18.02 11.64 18.20
CA TRP A 313 -18.55 12.11 19.48
C TRP A 313 -19.32 13.40 19.24
N ASP A 314 -20.48 13.51 19.88
CA ASP A 314 -21.19 14.78 19.92
C ASP A 314 -20.45 15.66 20.92
N ALA A 315 -19.73 16.66 20.41
CA ALA A 315 -18.75 17.40 21.18
C ALA A 315 -19.37 18.45 22.09
N LEU A 316 -20.67 18.37 22.36
CA LEU A 316 -21.31 19.26 23.29
C LEU A 316 -22.05 18.53 24.41
N LYS A 317 -22.23 17.21 24.29
CA LYS A 317 -22.85 16.42 25.34
C LYS A 317 -22.00 15.22 25.76
N ALA A 318 -20.95 14.89 25.02
CA ALA A 318 -20.04 13.78 25.34
C ALA A 318 -20.75 12.44 25.28
N ASP A 319 -21.53 12.24 24.22
CA ASP A 319 -22.19 10.97 23.96
C ASP A 319 -21.92 10.55 22.53
N ARG A 320 -21.61 9.27 22.33
CA ARG A 320 -21.24 8.80 21.00
C ARG A 320 -22.44 8.86 20.06
N ALA A 321 -22.19 9.25 18.82
CA ALA A 321 -23.23 9.42 17.82
C ALA A 321 -22.80 8.81 16.49
N GLY A 322 -22.27 7.60 16.53
CA GLY A 322 -21.89 6.89 15.33
C GLY A 322 -20.50 6.28 15.41
N VAL A 323 -20.27 5.25 14.60
CA VAL A 323 -19.00 4.53 14.58
C VAL A 323 -18.63 4.27 13.12
N LEU A 324 -17.42 4.64 12.75
CA LEU A 324 -16.92 4.45 11.38
C LEU A 324 -16.04 3.19 11.32
N ALA A 325 -16.67 2.04 11.54
CA ALA A 325 -15.94 0.77 11.60
C ALA A 325 -15.86 0.19 10.19
N GLY A 326 -14.73 0.37 9.53
CA GLY A 326 -14.51 -0.22 8.23
C GLY A 326 -13.07 -0.65 7.98
N HIS A 327 -12.23 -0.59 9.01
CA HIS A 327 -10.80 -0.78 8.85
C HIS A 327 -10.36 -2.11 9.46
N ASP A 328 -9.32 -2.69 8.87
CA ASP A 328 -8.81 -4.00 9.26
C ASP A 328 -7.66 -3.94 10.26
N ASN A 329 -7.00 -2.79 10.38
CA ASN A 329 -5.88 -2.65 11.32
C ASN A 329 -6.00 -1.32 12.05
N ARG A 330 -4.93 -0.94 12.77
CA ARG A 330 -4.95 0.28 13.56
C ARG A 330 -5.21 1.50 12.67
N VAL A 331 -5.94 2.47 13.21
CA VAL A 331 -6.20 3.74 12.54
C VAL A 331 -5.19 4.76 13.03
N SER A 332 -4.40 5.31 12.11
CA SER A 332 -3.29 6.19 12.45
C SER A 332 -3.54 7.65 12.13
N CYS A 333 -4.19 7.96 11.00
CA CYS A 333 -4.37 9.34 10.56
C CYS A 333 -5.82 9.57 10.14
N LEU A 334 -6.25 10.82 10.26
CA LEU A 334 -7.65 11.18 10.12
C LEU A 334 -7.76 12.68 9.90
N GLY A 335 -8.64 13.09 8.98
CA GLY A 335 -8.77 14.50 8.67
C GLY A 335 -10.06 14.87 7.97
N VAL A 336 -10.51 16.10 8.24
CA VAL A 336 -11.76 16.64 7.72
C VAL A 336 -11.46 17.80 6.79
N THR A 337 -12.21 17.91 5.70
CA THR A 337 -11.97 18.95 4.70
C THR A 337 -12.28 20.32 5.30
N ASP A 338 -12.02 21.36 4.49
CA ASP A 338 -12.19 22.73 4.96
C ASP A 338 -13.64 23.17 4.96
N ASP A 339 -14.53 22.44 4.29
CA ASP A 339 -15.94 22.80 4.22
C ASP A 339 -16.86 21.73 4.80
N GLY A 340 -16.31 20.73 5.49
CA GLY A 340 -17.13 19.71 6.09
C GLY A 340 -17.75 18.73 5.12
N MET A 341 -17.29 18.70 3.86
CA MET A 341 -17.86 17.80 2.88
C MET A 341 -17.64 16.34 3.26
N ALA A 342 -16.41 15.97 3.59
CA ALA A 342 -16.05 14.57 3.75
C ALA A 342 -15.13 14.40 4.96
N VAL A 343 -14.69 13.18 5.17
CA VAL A 343 -13.72 12.84 6.21
C VAL A 343 -12.92 11.64 5.73
N ALA A 344 -11.59 11.76 5.77
CA ALA A 344 -10.71 10.72 5.27
C ALA A 344 -9.94 10.11 6.43
N THR A 345 -9.94 8.78 6.49
CA THR A 345 -9.18 8.04 7.49
C THR A 345 -8.22 7.09 6.80
N GLY A 346 -6.99 7.03 7.30
CA GLY A 346 -6.00 6.09 6.80
C GLY A 346 -5.64 5.09 7.86
N SER A 347 -5.09 3.93 7.49
CA SER A 347 -4.84 2.90 8.48
C SER A 347 -3.65 2.06 8.11
N TRP A 348 -3.21 1.24 9.07
CA TRP A 348 -2.00 0.44 8.94
C TRP A 348 -2.14 -0.70 7.93
N ASP A 349 -3.35 -0.98 7.45
CA ASP A 349 -3.53 -1.94 6.37
C ASP A 349 -3.25 -1.34 5.00
N SER A 350 -2.72 -0.12 4.96
CA SER A 350 -2.38 0.59 3.72
C SER A 350 -3.62 1.01 2.93
N PHE A 351 -4.64 1.50 3.63
CA PHE A 351 -5.87 1.94 2.97
C PHE A 351 -6.32 3.28 3.51
N LEU A 352 -6.95 4.05 2.62
CA LEU A 352 -7.56 5.34 2.90
C LEU A 352 -9.02 5.28 2.48
N LYS A 353 -9.90 5.89 3.27
CA LYS A 353 -11.33 5.81 3.03
C LYS A 353 -11.97 7.16 3.30
N ILE A 354 -12.90 7.55 2.42
CA ILE A 354 -13.63 8.81 2.50
C ILE A 354 -15.08 8.53 2.86
N TRP A 355 -15.56 9.20 3.91
CA TRP A 355 -16.94 9.15 4.35
C TRP A 355 -17.61 10.51 4.16
N ASN A 356 -18.88 10.49 3.77
CA ASN A 356 -19.72 11.69 3.85
C ASN A 356 -20.73 11.56 4.97
N THR B 6 27.09 23.54 38.65
CA THR B 6 26.31 24.45 39.47
C THR B 6 25.22 25.13 38.65
N ALA B 7 24.87 24.52 37.53
CA ALA B 7 23.82 25.04 36.66
C ALA B 7 22.41 24.70 37.14
N SER B 8 22.29 23.89 38.19
CA SER B 8 20.97 23.56 38.73
C SER B 8 20.25 24.80 39.21
N ILE B 9 20.96 25.72 39.87
CA ILE B 9 20.34 26.97 40.31
C ILE B 9 19.92 27.80 39.10
N ALA B 10 20.68 27.79 38.02
CA ALA B 10 20.29 28.52 36.82
C ALA B 10 19.02 27.94 36.22
N GLN B 11 18.93 26.61 36.14
CA GLN B 11 17.73 25.97 35.62
C GLN B 11 16.52 26.27 36.50
N ALA B 12 16.72 26.24 37.82
CA ALA B 12 15.63 26.55 38.73
C ALA B 12 15.19 28.01 38.59
N ARG B 13 16.14 28.92 38.38
CA ARG B 13 15.79 30.32 38.13
C ARG B 13 14.99 30.46 36.84
N LYS B 14 15.39 29.75 35.80
CA LYS B 14 14.62 29.77 34.56
C LYS B 14 13.19 29.28 34.78
N LEU B 15 13.05 28.18 35.53
CA LEU B 15 11.72 27.62 35.76
C LEU B 15 10.86 28.56 36.59
N VAL B 16 11.42 29.17 37.64
CA VAL B 16 10.62 30.07 38.46
C VAL B 16 10.29 31.34 37.70
N GLU B 17 11.15 31.80 36.80
CA GLU B 17 10.80 32.93 35.94
C GLU B 17 9.65 32.57 35.00
N GLN B 18 9.68 31.36 34.45
CA GLN B 18 8.55 30.89 33.63
C GLN B 18 7.27 30.87 34.45
N LEU B 19 7.35 30.43 35.70
CA LEU B 19 6.16 30.41 36.56
C LEU B 19 5.68 31.82 36.88
N LYS B 20 6.61 32.75 37.09
CA LYS B 20 6.24 34.16 37.25
C LYS B 20 5.45 34.64 36.05
N MET B 21 5.95 34.35 34.84
CA MET B 21 5.26 34.78 33.63
C MET B 21 3.88 34.15 33.52
N GLU B 22 3.78 32.86 33.82
CA GLU B 22 2.54 32.12 33.61
C GLU B 22 1.42 32.55 34.55
N ALA B 23 1.76 33.04 35.74
CA ALA B 23 0.77 33.46 36.73
C ALA B 23 0.38 34.93 36.56
N ASN B 24 0.52 35.49 35.37
CA ASN B 24 0.22 36.88 35.08
C ASN B 24 -0.77 36.98 33.92
N ILE B 25 -1.83 36.19 33.97
CA ILE B 25 -2.85 36.18 32.94
C ILE B 25 -4.22 36.34 33.59
N ASP B 26 -5.19 36.77 32.79
CA ASP B 26 -6.56 36.95 33.23
C ASP B 26 -7.43 35.79 32.75
N ARG B 27 -8.40 35.43 33.57
CA ARG B 27 -9.24 34.26 33.30
C ARG B 27 -10.71 34.67 33.31
N ILE B 28 -11.52 33.87 32.64
CA ILE B 28 -12.96 34.07 32.58
C ILE B 28 -13.64 32.85 33.17
N LYS B 29 -14.91 33.02 33.54
CA LYS B 29 -15.68 31.91 34.09
C LYS B 29 -15.94 30.85 33.03
N VAL B 30 -16.13 29.61 33.49
CA VAL B 30 -16.34 28.50 32.56
C VAL B 30 -17.68 28.62 31.85
N SER B 31 -18.67 29.20 32.51
CA SER B 31 -20.00 29.33 31.90
C SER B 31 -19.94 30.20 30.65
N LYS B 32 -19.17 31.28 30.67
CA LYS B 32 -19.04 32.12 29.49
C LYS B 32 -18.41 31.36 28.34
N ALA B 33 -17.39 30.56 28.62
CA ALA B 33 -16.79 29.74 27.58
C ALA B 33 -17.79 28.75 27.00
N ALA B 34 -18.56 28.10 27.86
CA ALA B 34 -19.58 27.16 27.37
C ALA B 34 -20.61 27.87 26.49
N ALA B 35 -21.02 29.08 26.90
CA ALA B 35 -21.98 29.84 26.11
C ALA B 35 -21.40 30.23 24.76
N ASP B 36 -20.12 30.60 24.71
CA ASP B 36 -19.49 30.95 23.44
C ASP B 36 -19.39 29.72 22.53
N LEU B 37 -19.06 28.57 23.10
CA LEU B 37 -19.09 27.34 22.32
C LEU B 37 -20.48 27.08 21.75
N MET B 38 -21.52 27.24 22.57
CA MET B 38 -22.89 27.04 22.08
C MET B 38 -23.22 28.01 20.95
N ALA B 39 -22.85 29.28 21.11
CA ALA B 39 -23.18 30.27 20.10
C ALA B 39 -22.51 29.95 18.78
N TYR B 40 -21.22 29.58 18.81
CA TYR B 40 -20.57 29.23 17.55
C TYR B 40 -21.13 27.95 16.97
N CYS B 41 -21.55 26.99 17.80
CA CYS B 41 -22.10 25.75 17.27
C CYS B 41 -23.47 25.97 16.64
N GLU B 42 -24.26 26.88 17.21
CA GLU B 42 -25.63 27.11 16.74
C GLU B 42 -25.69 28.05 15.55
N ALA B 43 -24.83 29.08 15.49
CA ALA B 43 -24.89 30.04 14.41
C ALA B 43 -24.33 29.49 13.10
N HIS B 44 -23.78 28.27 13.09
CA HIS B 44 -23.19 27.68 11.90
C HIS B 44 -23.74 26.29 11.61
N ALA B 45 -24.89 25.94 12.18
CA ALA B 45 -25.44 24.60 12.04
C ALA B 45 -25.91 24.29 10.62
N LYS B 46 -26.02 25.30 9.76
CA LYS B 46 -26.54 25.13 8.40
C LYS B 46 -25.45 25.03 7.34
N GLU B 47 -24.19 24.83 7.73
CA GLU B 47 -23.10 24.93 6.78
C GLU B 47 -22.27 23.66 6.63
N ASP B 48 -22.37 22.69 7.55
CA ASP B 48 -21.59 21.47 7.42
C ASP B 48 -22.46 20.34 6.90
N PRO B 49 -22.08 19.67 5.81
CA PRO B 49 -22.85 18.51 5.34
C PRO B 49 -22.96 17.40 6.37
N LEU B 50 -21.92 17.17 7.17
CA LEU B 50 -21.87 15.97 8.01
C LEU B 50 -22.98 15.98 9.06
N LEU B 51 -23.14 17.09 9.78
CA LEU B 51 -24.15 17.16 10.83
C LEU B 51 -25.55 17.00 10.26
N THR B 52 -25.95 17.92 9.38
CA THR B 52 -27.23 17.85 8.70
C THR B 52 -27.00 17.25 7.31
N PRO B 53 -27.25 15.96 7.10
CA PRO B 53 -26.87 15.31 5.83
C PRO B 53 -27.38 16.04 4.60
N VAL B 54 -26.45 16.43 3.73
CA VAL B 54 -26.78 17.14 2.49
C VAL B 54 -27.54 16.19 1.57
N PRO B 55 -28.50 16.68 0.80
CA PRO B 55 -29.15 15.81 -0.20
C PRO B 55 -28.15 15.31 -1.22
N ALA B 56 -28.37 14.07 -1.68
CA ALA B 56 -27.45 13.38 -2.57
C ALA B 56 -27.47 13.92 -3.99
N SER B 57 -28.16 15.04 -4.24
CA SER B 57 -28.23 15.60 -5.58
C SER B 57 -27.14 16.64 -5.84
N GLU B 58 -26.37 17.05 -4.83
CA GLU B 58 -25.34 18.04 -5.05
C GLU B 58 -24.00 17.73 -4.41
N ASN B 59 -23.90 16.74 -3.53
CA ASN B 59 -22.59 16.38 -2.98
C ASN B 59 -21.72 15.72 -4.04
N PRO B 60 -20.44 16.07 -4.10
CA PRO B 60 -19.57 15.57 -5.17
C PRO B 60 -19.03 14.18 -4.98
N PHE B 61 -19.13 13.61 -3.78
CA PHE B 61 -18.59 12.29 -3.49
C PHE B 61 -19.63 11.17 -3.61
N ARG B 62 -20.86 11.49 -3.97
CA ARG B 62 -21.92 10.49 -4.06
C ARG B 62 -21.59 9.42 -5.09
N GLY C 2 -15.28 5.24 -20.05
CA GLY C 2 -14.81 6.00 -21.19
C GLY C 2 -15.91 6.64 -21.99
N CYS C 3 -17.07 6.83 -21.36
CA CYS C 3 -18.24 7.40 -22.00
C CYS C 3 -18.57 8.79 -21.47
N THR C 4 -18.63 8.95 -20.15
CA THR C 4 -18.91 10.26 -19.58
C THR C 4 -17.69 11.17 -19.66
N LEU C 5 -16.49 10.60 -19.57
CA LEU C 5 -15.27 11.40 -19.45
C LEU C 5 -15.01 12.19 -20.73
N SER C 6 -14.36 13.34 -20.56
CA SER C 6 -13.99 14.20 -21.67
C SER C 6 -12.58 13.85 -22.15
N ALA C 7 -11.99 14.71 -22.97
CA ALA C 7 -10.67 14.43 -23.51
C ALA C 7 -9.53 14.81 -22.58
N GLU C 8 -9.80 15.63 -21.57
CA GLU C 8 -8.82 15.94 -20.54
C GLU C 8 -9.09 15.19 -19.24
N ASP C 9 -9.98 14.21 -19.26
CA ASP C 9 -10.18 13.32 -18.13
C ASP C 9 -9.81 11.89 -18.46
N LYS C 10 -9.39 11.61 -19.68
CA LYS C 10 -8.92 10.29 -20.06
C LYS C 10 -7.40 10.20 -20.20
N ALA C 11 -6.70 11.33 -20.09
CA ALA C 11 -5.24 11.28 -20.00
C ALA C 11 -4.79 11.19 -18.56
N ALA C 12 -5.58 11.78 -17.64
CA ALA C 12 -5.31 11.63 -16.21
C ALA C 12 -5.38 10.16 -15.80
N VAL C 13 -6.33 9.41 -16.35
CA VAL C 13 -6.45 7.99 -16.02
C VAL C 13 -5.23 7.22 -16.47
N GLU C 14 -4.73 7.50 -17.68
CA GLU C 14 -3.53 6.84 -18.15
C GLU C 14 -2.33 7.20 -17.29
N ARG C 15 -2.23 8.47 -16.89
CA ARG C 15 -1.15 8.87 -15.99
C ARG C 15 -1.22 8.11 -14.68
N SER C 16 -2.42 7.97 -14.11
CA SER C 16 -2.58 7.22 -12.87
C SER C 16 -2.20 5.77 -13.04
N LYS C 17 -2.52 5.18 -14.20
CA LYS C 17 -2.14 3.79 -14.46
C LYS C 17 -0.63 3.64 -14.51
N MET C 18 0.06 4.60 -15.13
CA MET C 18 1.53 4.55 -15.15
C MET C 18 2.10 4.67 -13.74
N ILE C 19 1.53 5.57 -12.92
CA ILE C 19 1.96 5.70 -11.52
C ILE C 19 1.80 4.37 -10.80
N ASP C 20 0.65 3.72 -10.99
CA ASP C 20 0.40 2.43 -10.34
C ASP C 20 1.41 1.38 -10.78
N ARG C 21 1.69 1.33 -12.09
CA ARG C 21 2.69 0.40 -12.61
C ARG C 21 4.04 0.61 -11.93
N ASN C 22 4.47 1.86 -11.79
CA ASN C 22 5.76 2.13 -11.17
C ASN C 22 5.76 1.74 -9.70
N LEU C 23 4.70 2.08 -8.96
CA LEU C 23 4.63 1.69 -7.55
C LEU C 23 4.67 0.18 -7.37
N ARG C 24 3.99 -0.56 -8.25
CA ARG C 24 3.95 -2.01 -8.08
C ARG C 24 5.27 -2.64 -8.51
N GLU C 25 5.94 -2.04 -9.50
CA GLU C 25 7.21 -2.59 -9.98
C GLU C 25 8.36 -2.26 -9.03
N ASP C 26 8.23 -1.20 -8.23
CA ASP C 26 9.26 -0.83 -7.27
C ASP C 26 9.03 -1.44 -5.90
N GLY C 27 7.92 -2.15 -5.70
CA GLY C 27 7.64 -2.85 -4.46
C GLY C 27 7.91 -4.33 -4.50
N GLU C 28 8.37 -4.84 -5.62
CA GLU C 28 8.85 -6.21 -5.74
C GLU C 28 10.37 -6.30 -5.57
N LYS C 29 11.04 -5.17 -5.39
CA LYS C 29 12.47 -5.13 -5.13
C LYS C 29 12.79 -4.99 -3.65
N ALA C 30 11.88 -4.44 -2.86
CA ALA C 30 12.08 -4.31 -1.43
C ALA C 30 11.55 -5.49 -0.64
N ALA C 31 10.98 -6.49 -1.33
CA ALA C 31 10.56 -7.74 -0.69
C ALA C 31 11.47 -8.89 -1.05
N ARG C 32 12.53 -8.64 -1.82
CA ARG C 32 13.51 -9.65 -2.19
C ARG C 32 14.85 -9.44 -1.49
N GLU C 33 14.84 -8.77 -0.34
CA GLU C 33 16.05 -8.45 0.39
C GLU C 33 15.81 -8.68 1.88
N VAL C 34 16.91 -8.91 2.60
CA VAL C 34 16.85 -9.29 4.01
C VAL C 34 17.16 -8.06 4.85
N LYS C 35 16.20 -7.67 5.69
CA LYS C 35 16.35 -6.51 6.56
C LYS C 35 16.73 -6.99 7.96
N LEU C 36 17.90 -6.56 8.43
CA LEU C 36 18.41 -6.94 9.73
C LEU C 36 18.50 -5.71 10.62
N LEU C 37 18.20 -5.88 11.91
CA LEU C 37 18.28 -4.78 12.86
C LEU C 37 19.43 -5.06 13.82
N LEU C 38 20.40 -4.14 13.88
CA LEU C 38 21.64 -4.36 14.61
C LEU C 38 21.58 -3.63 15.95
N LEU C 39 21.87 -4.35 17.03
CA LEU C 39 21.80 -3.81 18.38
C LEU C 39 23.03 -4.23 19.17
N GLY C 40 23.32 -3.45 20.20
CA GLY C 40 24.49 -3.69 21.02
C GLY C 40 24.42 -2.86 22.29
N ALA C 41 25.57 -2.75 22.96
CA ALA C 41 25.67 -2.02 24.21
C ALA C 41 26.65 -0.86 24.13
N GLY C 42 26.94 -0.37 22.93
CA GLY C 42 27.85 0.75 22.78
C GLY C 42 29.20 0.36 22.26
N GLU C 43 30.21 0.35 23.13
CA GLU C 43 31.55 -0.11 22.78
C GLU C 43 31.65 -1.63 22.98
N SER C 44 30.71 -2.34 22.37
CA SER C 44 30.61 -3.79 22.49
C SER C 44 30.90 -4.51 21.19
N GLY C 45 31.59 -3.86 20.25
CA GLY C 45 32.00 -4.52 19.02
C GLY C 45 31.11 -4.26 17.82
N LYS C 46 30.11 -3.38 17.94
CA LYS C 46 29.26 -3.09 16.79
C LYS C 46 30.07 -2.55 15.62
N ASN C 47 30.99 -1.62 15.90
CA ASN C 47 31.76 -1.00 14.82
C ASN C 47 32.65 -2.02 14.11
N THR C 48 33.31 -2.90 14.87
CA THR C 48 34.19 -3.86 14.23
C THR C 48 33.40 -4.95 13.50
N ILE C 49 32.22 -5.33 14.01
CA ILE C 49 31.40 -6.29 13.28
C ILE C 49 30.89 -5.68 11.98
N VAL C 50 30.59 -4.38 11.99
CA VAL C 50 30.23 -3.70 10.75
C VAL C 50 31.42 -3.68 9.80
N LYS C 51 32.62 -3.42 10.33
CA LYS C 51 33.81 -3.35 9.48
C LYS C 51 34.11 -4.70 8.83
N GLN C 52 33.96 -5.80 9.57
CA GLN C 52 34.34 -7.10 9.06
C GLN C 52 33.53 -7.49 7.83
N MET C 53 32.22 -7.27 7.86
CA MET C 53 31.33 -7.63 6.77
C MET C 53 30.86 -6.38 6.00
N LYS C 54 31.70 -5.36 5.98
CA LYS C 54 31.44 -4.15 5.20
C LYS C 54 31.74 -4.42 3.72
N ILE C 55 30.97 -3.76 2.85
CA ILE C 55 31.19 -3.87 1.41
C ILE C 55 32.38 -3.02 0.99
N GLY C 183 21.16 10.57 12.98
CA GLY C 183 20.01 9.72 13.20
C GLY C 183 20.29 8.26 12.94
N ILE C 184 19.38 7.59 12.25
CA ILE C 184 19.54 6.18 11.91
C ILE C 184 20.72 6.05 10.97
N VAL C 185 21.35 4.88 10.97
CA VAL C 185 22.50 4.59 10.12
C VAL C 185 22.20 3.34 9.31
N GLU C 186 22.69 3.31 8.08
CA GLU C 186 22.32 2.31 7.10
C GLU C 186 23.56 1.58 6.61
N THR C 187 23.40 0.30 6.29
CA THR C 187 24.47 -0.44 5.62
C THR C 187 23.83 -1.42 4.64
N HIS C 188 24.54 -1.69 3.55
CA HIS C 188 24.03 -2.54 2.48
C HIS C 188 25.17 -3.39 1.96
N PHE C 189 25.00 -4.71 1.98
CA PHE C 189 26.03 -5.61 1.45
C PHE C 189 25.36 -6.81 0.81
N THR C 190 26.18 -7.70 0.26
CA THR C 190 25.69 -8.85 -0.49
C THR C 190 26.62 -10.03 -0.27
N PHE C 191 26.02 -11.22 -0.19
CA PHE C 191 26.79 -12.45 0.02
C PHE C 191 26.00 -13.60 -0.58
N LYS C 192 26.63 -14.35 -1.49
CA LYS C 192 25.99 -15.47 -2.17
C LYS C 192 24.71 -15.03 -2.88
N ASP C 193 24.75 -13.84 -3.47
CA ASP C 193 23.63 -13.27 -4.22
C ASP C 193 22.39 -13.15 -3.32
N LEU C 194 22.51 -12.33 -2.28
CA LEU C 194 21.41 -12.09 -1.35
C LEU C 194 21.64 -10.73 -0.70
N HIS C 195 20.80 -9.76 -1.03
CA HIS C 195 20.99 -8.38 -0.60
C HIS C 195 20.60 -8.24 0.87
N PHE C 196 21.57 -7.94 1.72
CA PHE C 196 21.33 -7.64 3.12
C PHE C 196 21.35 -6.13 3.33
N LYS C 197 20.32 -5.61 3.98
CA LYS C 197 20.28 -4.23 4.42
C LYS C 197 20.17 -4.23 5.95
N MET C 198 21.08 -3.50 6.59
CA MET C 198 21.29 -3.58 8.03
C MET C 198 21.13 -2.20 8.63
N PHE C 199 20.25 -2.08 9.61
CA PHE C 199 19.90 -0.80 10.21
C PHE C 199 20.50 -0.72 11.60
N ASP C 200 21.27 0.34 11.85
CA ASP C 200 21.85 0.62 13.16
C ASP C 200 21.17 1.86 13.72
N VAL C 201 20.73 1.77 14.97
CA VAL C 201 19.93 2.83 15.58
C VAL C 201 20.55 3.26 16.91
N GLY C 202 21.87 3.16 17.02
CA GLY C 202 22.53 3.44 18.29
C GLY C 202 22.75 4.90 18.61
N ALA C 203 22.47 5.80 17.68
CA ALA C 203 22.66 7.23 17.88
C ALA C 203 21.36 7.97 18.18
N GLN C 204 20.29 7.26 18.49
CA GLN C 204 18.97 7.88 18.61
C GLN C 204 18.81 8.60 19.94
N ARG C 205 18.94 7.87 21.05
CA ARG C 205 18.80 8.42 22.41
C ARG C 205 17.40 8.98 22.65
N SER C 206 16.40 8.47 21.96
CA SER C 206 15.00 8.86 22.17
C SER C 206 14.31 7.82 23.04
N GLU C 207 13.01 7.98 23.21
CA GLU C 207 12.22 7.01 23.96
C GLU C 207 11.94 5.82 23.05
N ARG C 208 12.40 4.64 23.46
CA ARG C 208 12.40 3.49 22.56
C ARG C 208 10.99 3.02 22.22
N LYS C 209 10.01 3.27 23.10
CA LYS C 209 8.67 2.74 22.86
C LYS C 209 7.88 3.56 21.84
N LYS C 210 8.44 4.68 21.36
CA LYS C 210 7.75 5.53 20.40
C LYS C 210 8.19 5.33 18.97
N TRP C 211 9.24 4.53 18.74
CA TRP C 211 9.67 4.24 17.37
C TRP C 211 10.09 2.79 17.16
N ILE C 212 9.90 1.91 18.14
CA ILE C 212 10.36 0.54 18.00
C ILE C 212 9.42 -0.31 17.15
N HIS C 213 8.17 0.14 16.95
CA HIS C 213 7.24 -0.63 16.14
C HIS C 213 7.44 -0.41 14.65
N CYS C 214 8.34 0.50 14.25
CA CYS C 214 8.63 0.67 12.84
C CYS C 214 9.35 -0.54 12.27
N PHE C 215 10.19 -1.19 13.07
CA PHE C 215 10.96 -2.36 12.66
C PHE C 215 10.22 -3.65 12.98
N GLU C 216 8.97 -3.77 12.53
CA GLU C 216 8.14 -4.90 12.89
C GLU C 216 8.33 -6.09 11.96
N GLY C 217 8.68 -5.85 10.70
CA GLY C 217 8.82 -6.92 9.74
C GLY C 217 10.25 -7.30 9.44
N VAL C 218 11.18 -6.95 10.33
CA VAL C 218 12.58 -7.28 10.12
C VAL C 218 12.77 -8.79 10.22
N THR C 219 13.71 -9.32 9.44
CA THR C 219 13.94 -10.76 9.42
C THR C 219 14.63 -11.24 10.69
N ALA C 220 15.59 -10.46 11.21
CA ALA C 220 16.32 -10.91 12.37
C ALA C 220 16.96 -9.72 13.08
N ILE C 221 17.35 -9.96 14.33
CA ILE C 221 18.01 -8.97 15.17
C ILE C 221 19.40 -9.48 15.47
N ILE C 222 20.41 -8.72 15.07
CA ILE C 222 21.80 -9.09 15.32
C ILE C 222 22.26 -8.38 16.59
N PHE C 223 22.53 -9.15 17.63
CA PHE C 223 22.83 -8.63 18.95
C PHE C 223 24.31 -8.87 19.25
N CYS C 224 25.11 -7.81 19.18
CA CYS C 224 26.55 -7.93 19.39
C CYS C 224 26.89 -7.55 20.82
N VAL C 225 27.50 -8.49 21.55
CA VAL C 225 27.91 -8.24 22.93
C VAL C 225 29.32 -8.79 23.14
N ALA C 226 30.14 -8.05 23.88
CA ALA C 226 31.50 -8.45 24.18
C ALA C 226 31.56 -9.11 25.55
N LEU C 227 32.26 -10.24 25.63
CA LEU C 227 32.44 -10.94 26.90
C LEU C 227 33.83 -10.73 27.49
N SER C 228 34.57 -9.74 27.00
CA SER C 228 35.83 -9.33 27.61
C SER C 228 35.63 -8.15 28.56
N ASP C 229 34.40 -7.92 29.00
CA ASP C 229 34.09 -6.77 29.84
C ASP C 229 33.34 -7.16 31.11
N TYR C 230 33.45 -8.42 31.55
CA TYR C 230 32.72 -8.84 32.74
C TYR C 230 33.26 -8.14 33.99
N ASP C 231 34.55 -7.83 34.01
CA ASP C 231 35.13 -7.13 35.16
C ASP C 231 34.96 -5.62 35.06
N LEU C 232 35.13 -5.06 33.87
CA LEU C 232 35.02 -3.62 33.69
C LEU C 232 33.58 -3.17 33.97
N VAL C 233 33.42 -2.31 34.97
CA VAL C 233 32.10 -1.84 35.40
C VAL C 233 31.72 -0.61 34.63
N LEU C 234 30.42 -0.34 34.56
CA LEU C 234 29.92 0.81 33.79
C LEU C 234 30.33 2.11 34.46
N ALA C 235 30.62 3.12 33.64
CA ALA C 235 31.08 4.40 34.16
C ALA C 235 29.97 5.15 34.87
N GLU C 236 28.74 5.08 34.34
CA GLU C 236 27.63 5.83 34.93
C GLU C 236 27.32 5.36 36.35
N ASP C 237 27.19 4.05 36.54
CA ASP C 237 26.90 3.47 37.84
C ASP C 237 28.06 2.56 38.24
N GLU C 238 28.85 3.00 39.23
CA GLU C 238 29.99 2.22 39.68
C GLU C 238 29.56 0.92 40.36
N GLU C 239 28.31 0.82 40.79
CA GLU C 239 27.87 -0.37 41.52
C GLU C 239 27.77 -1.58 40.59
N MET C 240 27.18 -1.41 39.43
CA MET C 240 26.93 -2.51 38.51
C MET C 240 27.85 -2.44 37.29
N ASN C 241 28.00 -3.58 36.62
CA ASN C 241 28.91 -3.74 35.50
C ASN C 241 28.16 -3.89 34.19
N ARG C 242 28.92 -3.92 33.10
CA ARG C 242 28.34 -3.86 31.76
C ARG C 242 27.62 -5.15 31.36
N MET C 243 28.08 -6.30 31.84
CA MET C 243 27.43 -7.55 31.48
C MET C 243 25.99 -7.58 31.95
N HIS C 244 25.73 -7.07 33.15
CA HIS C 244 24.35 -6.97 33.64
C HIS C 244 23.53 -6.03 32.77
N ALA C 245 24.10 -4.91 32.34
CA ALA C 245 23.37 -4.00 31.45
C ALA C 245 23.00 -4.69 30.15
N SER C 246 23.94 -5.45 29.57
CA SER C 246 23.65 -6.20 28.36
C SER C 246 22.55 -7.23 28.60
N MET C 247 22.56 -7.89 29.76
CA MET C 247 21.53 -8.87 30.05
C MET C 247 20.15 -8.23 30.19
N LYS C 248 20.08 -7.07 30.87
CA LYS C 248 18.81 -6.35 30.95
C LYS C 248 18.31 -5.94 29.57
N LEU C 249 19.20 -5.42 28.72
CA LEU C 249 18.73 -4.97 27.41
C LEU C 249 18.30 -6.16 26.56
N PHE C 250 19.00 -7.29 26.67
CA PHE C 250 18.60 -8.50 25.96
C PHE C 250 17.24 -8.99 26.42
N ASP C 251 17.00 -8.97 27.73
CA ASP C 251 15.69 -9.37 28.25
C ASP C 251 14.60 -8.43 27.76
N SER C 252 14.90 -7.13 27.70
CA SER C 252 13.89 -6.16 27.29
C SER C 252 13.56 -6.27 25.80
N ILE C 253 14.55 -6.60 24.96
CA ILE C 253 14.31 -6.67 23.52
C ILE C 253 13.92 -8.06 23.05
N CYS C 254 14.09 -9.09 23.88
CA CYS C 254 13.74 -10.45 23.49
C CYS C 254 12.30 -10.82 23.81
N ASN C 255 11.62 -10.05 24.67
CA ASN C 255 10.24 -10.35 25.07
C ASN C 255 9.29 -9.21 24.76
N ASN C 256 9.57 -8.42 23.73
CA ASN C 256 8.71 -7.31 23.38
C ASN C 256 7.53 -7.80 22.54
N LYS C 257 6.41 -7.09 22.63
CA LYS C 257 5.18 -7.53 21.98
C LYS C 257 5.25 -7.45 20.46
N TRP C 258 6.20 -6.69 19.91
CA TRP C 258 6.35 -6.60 18.46
C TRP C 258 7.29 -7.66 17.90
N PHE C 259 8.08 -8.32 18.74
CA PHE C 259 9.11 -9.24 18.26
C PHE C 259 8.89 -10.66 18.78
N THR C 260 7.64 -11.15 18.70
CA THR C 260 7.34 -12.48 19.19
C THR C 260 7.58 -13.56 18.13
N ASP C 261 7.97 -13.20 16.92
CA ASP C 261 8.28 -14.19 15.88
C ASP C 261 9.53 -13.77 15.11
N THR C 262 10.44 -13.07 15.79
CA THR C 262 11.68 -12.59 15.20
C THR C 262 12.86 -13.24 15.90
N SER C 263 13.79 -13.78 15.11
CA SER C 263 14.92 -14.51 15.66
C SER C 263 16.09 -13.58 15.96
N ILE C 264 16.89 -13.99 16.93
CA ILE C 264 18.01 -13.20 17.43
C ILE C 264 19.30 -13.95 17.14
N ILE C 265 20.18 -13.33 16.37
CA ILE C 265 21.52 -13.85 16.10
C ILE C 265 22.48 -13.16 17.07
N LEU C 266 23.00 -13.92 18.03
CA LEU C 266 23.76 -13.37 19.14
C LEU C 266 25.25 -13.59 18.89
N PHE C 267 26.01 -12.50 18.90
CA PHE C 267 27.45 -12.54 18.68
C PHE C 267 28.16 -12.27 20.00
N LEU C 268 29.09 -13.15 20.36
CA LEU C 268 29.93 -12.98 21.52
C LEU C 268 31.33 -12.58 21.05
N ASN C 269 31.81 -11.43 21.51
CA ASN C 269 32.95 -10.75 20.91
C ASN C 269 34.14 -10.72 21.85
N LYS C 270 35.30 -10.39 21.28
CA LYS C 270 36.53 -10.14 22.02
C LYS C 270 36.88 -11.30 22.95
N LYS C 271 36.92 -12.51 22.39
CA LYS C 271 37.30 -13.65 23.20
C LYS C 271 38.81 -13.84 23.28
N ASP C 272 39.58 -13.11 22.46
CA ASP C 272 41.04 -13.12 22.64
C ASP C 272 41.41 -12.59 24.02
N LEU C 273 41.06 -11.34 24.31
CA LEU C 273 41.42 -10.73 25.58
C LEU C 273 40.77 -11.43 26.76
N PHE C 274 39.66 -12.12 26.54
CA PHE C 274 39.00 -12.85 27.62
C PHE C 274 39.89 -13.94 28.18
N GLU C 275 40.66 -14.61 27.32
CA GLU C 275 41.52 -15.71 27.78
C GLU C 275 42.57 -15.21 28.75
N GLU C 276 43.19 -14.05 28.47
CA GLU C 276 44.20 -13.52 29.37
C GLU C 276 43.57 -12.77 30.55
N LYS C 277 42.32 -12.33 30.41
CA LYS C 277 41.68 -11.65 31.53
C LYS C 277 41.15 -12.63 32.57
N ILE C 278 40.70 -13.82 32.14
CA ILE C 278 40.11 -14.77 33.08
C ILE C 278 41.17 -15.35 34.01
N LYS C 279 42.36 -15.62 33.47
CA LYS C 279 43.40 -16.25 34.29
C LYS C 279 43.87 -15.33 35.41
N LYS C 280 43.99 -14.03 35.15
CA LYS C 280 44.42 -13.09 36.18
C LYS C 280 43.36 -12.93 37.26
N SER C 281 42.11 -12.72 36.86
CA SER C 281 41.00 -12.55 37.78
C SER C 281 39.82 -13.40 37.30
N PRO C 282 39.22 -14.19 38.19
CA PRO C 282 38.15 -15.10 37.76
C PRO C 282 36.88 -14.35 37.40
N LEU C 283 35.91 -15.11 36.91
CA LEU C 283 34.60 -14.57 36.56
C LEU C 283 33.60 -14.65 37.70
N THR C 284 34.01 -15.15 38.87
CA THR C 284 33.14 -15.16 40.03
C THR C 284 32.71 -13.76 40.45
N ILE C 285 33.50 -12.74 40.10
CA ILE C 285 33.11 -11.36 40.38
C ILE C 285 31.84 -11.00 39.62
N CYS C 286 31.76 -11.40 38.35
CA CYS C 286 30.57 -11.13 37.55
C CYS C 286 29.43 -12.09 37.85
N TYR C 287 29.76 -13.34 38.21
CA TYR C 287 28.75 -14.36 38.48
C TYR C 287 29.03 -14.94 39.87
N PRO C 288 28.48 -14.33 40.92
CA PRO C 288 28.80 -14.77 42.28
C PRO C 288 28.39 -16.20 42.59
N GLU C 289 27.31 -16.70 41.99
CA GLU C 289 26.78 -18.03 42.28
C GLU C 289 27.40 -19.09 41.38
N TYR C 290 28.61 -18.80 40.94
CA TYR C 290 29.28 -19.74 40.03
C TYR C 290 30.23 -20.66 40.79
N ALA C 291 30.41 -21.87 40.26
CA ALA C 291 31.43 -22.78 40.77
C ALA C 291 32.01 -23.56 39.59
N GLY C 292 33.28 -23.32 39.28
CA GLY C 292 33.91 -23.97 38.16
C GLY C 292 35.42 -23.96 38.18
N SER C 293 36.04 -24.51 37.14
CA SER C 293 37.50 -24.63 37.07
C SER C 293 38.16 -23.41 36.45
N ASN C 294 37.40 -22.38 36.09
CA ASN C 294 37.92 -21.13 35.56
C ASN C 294 38.74 -21.36 34.29
N THR C 295 38.19 -22.15 33.37
CA THR C 295 38.81 -22.38 32.08
C THR C 295 38.01 -21.68 30.99
N TYR C 296 38.65 -21.50 29.82
CA TYR C 296 38.09 -20.69 28.75
C TYR C 296 36.80 -21.30 28.20
N GLU C 297 36.90 -22.56 27.75
CA GLU C 297 35.75 -23.21 27.06
C GLU C 297 34.55 -23.44 27.99
N GLU C 298 34.75 -23.83 29.24
CA GLU C 298 33.64 -23.86 30.20
C GLU C 298 33.05 -22.46 30.27
N ALA C 299 33.80 -21.54 30.77
CA ALA C 299 33.26 -20.22 31.06
C ALA C 299 32.45 -19.70 29.89
N ALA C 300 32.95 -19.90 28.67
CA ALA C 300 32.22 -19.46 27.48
C ALA C 300 30.87 -20.17 27.38
N ALA C 301 30.87 -21.49 27.62
CA ALA C 301 29.63 -22.25 27.57
C ALA C 301 28.65 -21.77 28.63
N TYR C 302 29.14 -21.49 29.84
CA TYR C 302 28.26 -21.00 30.90
C TYR C 302 27.66 -19.65 30.55
N ILE C 303 28.46 -18.75 29.97
CA ILE C 303 27.94 -17.44 29.59
C ILE C 303 26.89 -17.58 28.47
N GLN C 304 27.15 -18.45 27.50
CA GLN C 304 26.19 -18.72 26.45
C GLN C 304 24.87 -19.25 27.00
N CYS C 305 24.94 -20.20 27.93
CA CYS C 305 23.73 -20.71 28.57
C CYS C 305 23.00 -19.62 29.33
N GLN C 306 23.76 -18.77 30.06
CA GLN C 306 23.15 -17.70 30.81
C GLN C 306 22.40 -16.73 29.90
N PHE C 307 22.95 -16.46 28.72
CA PHE C 307 22.30 -15.52 27.82
C PHE C 307 21.08 -16.14 27.15
N GLU C 308 21.12 -17.42 26.81
CA GLU C 308 19.94 -18.02 26.21
C GLU C 308 18.89 -18.45 27.22
N ASP C 309 19.19 -18.42 28.52
CA ASP C 309 18.17 -18.72 29.52
C ASP C 309 17.21 -17.56 29.76
N LEU C 310 17.46 -16.40 29.16
CA LEU C 310 16.60 -15.25 29.29
C LEU C 310 15.37 -15.31 28.37
N ASN C 311 15.37 -16.21 27.40
CA ASN C 311 14.24 -16.35 26.49
C ASN C 311 13.02 -16.86 27.24
N LYS C 312 11.85 -16.34 26.91
CA LYS C 312 10.60 -16.74 27.55
C LYS C 312 9.54 -17.19 26.57
N ARG C 313 9.85 -17.28 25.27
CA ARG C 313 8.89 -17.78 24.29
C ARG C 313 9.09 -19.27 24.03
N LYS C 314 10.26 -19.65 23.53
CA LYS C 314 10.73 -21.02 23.36
C LYS C 314 9.96 -21.80 22.31
N ASP C 315 8.95 -21.22 21.69
CA ASP C 315 8.16 -21.93 20.68
C ASP C 315 8.00 -21.10 19.42
N THR C 316 8.05 -19.77 19.57
CA THR C 316 7.95 -18.85 18.45
C THR C 316 9.20 -17.98 18.31
N LYS C 317 10.34 -18.48 18.78
CA LYS C 317 11.58 -17.69 18.81
C LYS C 317 12.74 -18.65 19.08
N GLU C 318 13.83 -18.49 18.33
CA GLU C 318 15.03 -19.26 18.57
C GLU C 318 16.24 -18.34 18.51
N ILE C 319 17.18 -18.56 19.42
CA ILE C 319 18.36 -17.72 19.56
C ILE C 319 19.56 -18.49 19.02
N TYR C 320 20.26 -17.88 18.06
CA TYR C 320 21.48 -18.45 17.50
C TYR C 320 22.68 -17.75 18.11
N THR C 321 23.64 -18.53 18.59
CA THR C 321 24.81 -18.00 19.27
C THR C 321 26.08 -18.33 18.49
N HIS C 322 27.10 -17.52 18.68
CA HIS C 322 28.34 -17.67 17.93
C HIS C 322 29.46 -17.00 18.71
N PHE C 323 30.66 -17.55 18.55
CA PHE C 323 31.87 -17.00 19.16
C PHE C 323 32.78 -16.50 18.06
N THR C 324 33.21 -15.24 18.17
CA THR C 324 34.01 -14.59 17.14
C THR C 324 34.97 -13.61 17.78
N CYS C 325 36.17 -13.53 17.21
CA CYS C 325 37.14 -12.52 17.64
C CYS C 325 37.97 -12.14 16.42
N SER C 326 37.54 -11.08 15.72
CA SER C 326 38.23 -10.58 14.53
C SER C 326 38.53 -11.70 13.53
N THR C 327 37.58 -12.61 13.32
CA THR C 327 37.72 -13.68 12.36
C THR C 327 36.96 -13.33 11.08
N ASP C 328 37.43 -13.86 9.96
CA ASP C 328 36.98 -13.44 8.65
C ASP C 328 36.17 -14.54 7.95
N THR C 329 35.10 -14.11 7.29
CA THR C 329 34.27 -14.94 6.41
C THR C 329 33.46 -15.95 7.22
N LYS C 330 33.68 -16.02 8.53
CA LYS C 330 32.89 -16.90 9.37
C LYS C 330 31.60 -16.24 9.82
N ASN C 331 31.67 -14.96 10.20
CA ASN C 331 30.49 -14.25 10.69
C ASN C 331 29.43 -14.14 9.61
N VAL C 332 29.84 -13.81 8.38
CA VAL C 332 28.90 -13.67 7.29
C VAL C 332 28.24 -15.01 6.99
N GLN C 333 29.01 -16.09 7.00
CA GLN C 333 28.44 -17.42 6.77
C GLN C 333 27.44 -17.78 7.85
N PHE C 334 27.75 -17.48 9.11
CA PHE C 334 26.82 -17.78 10.19
C PHE C 334 25.52 -17.00 10.02
N VAL C 335 25.62 -15.71 9.68
CA VAL C 335 24.43 -14.91 9.44
C VAL C 335 23.62 -15.49 8.29
N PHE C 336 24.29 -15.92 7.23
CA PHE C 336 23.59 -16.49 6.08
C PHE C 336 22.86 -17.76 6.45
N ASP C 337 23.49 -18.62 7.27
CA ASP C 337 22.83 -19.84 7.71
C ASP C 337 21.59 -19.55 8.54
N ALA C 338 21.71 -18.66 9.52
CA ALA C 338 20.56 -18.34 10.36
C ALA C 338 19.43 -17.72 9.54
N VAL C 339 19.76 -16.84 8.60
CA VAL C 339 18.74 -16.23 7.76
C VAL C 339 18.05 -17.28 6.90
N THR C 340 18.82 -18.23 6.36
CA THR C 340 18.21 -19.29 5.55
C THR C 340 17.24 -20.13 6.38
N ASP C 341 17.61 -20.44 7.63
CA ASP C 341 16.69 -21.18 8.48
C ASP C 341 15.41 -20.40 8.75
N VAL C 342 15.55 -19.11 9.06
CA VAL C 342 14.36 -18.28 9.32
C VAL C 342 13.46 -18.23 8.08
N ILE C 343 14.06 -18.06 6.90
CA ILE C 343 13.29 -18.00 5.66
C ILE C 343 12.58 -19.32 5.42
N ILE C 344 13.25 -20.46 5.65
CA ILE C 344 12.62 -21.75 5.43
C ILE C 344 11.41 -21.90 6.33
N LYS C 345 11.52 -21.52 7.59
CA LYS C 345 10.36 -21.62 8.48
C LYS C 345 9.23 -20.71 8.02
N ASN C 346 9.54 -19.46 7.66
CA ASN C 346 8.49 -18.53 7.25
C ASN C 346 7.82 -18.98 5.97
N ASN C 347 8.56 -19.67 5.09
CA ASN C 347 7.95 -20.26 3.91
C ASN C 347 7.06 -21.43 4.29
N LEU C 348 7.49 -22.25 5.26
CA LEU C 348 6.72 -23.42 5.63
C LEU C 348 5.40 -23.04 6.29
N LYS C 349 5.33 -21.88 6.94
CA LYS C 349 4.06 -21.56 7.57
C LYS C 349 3.11 -20.77 6.67
N ASP C 350 3.48 -20.50 5.41
CA ASP C 350 2.55 -19.85 4.50
C ASP C 350 1.74 -20.85 3.68
N CYS C 351 2.02 -22.14 3.78
CA CYS C 351 1.22 -23.19 3.17
C CYS C 351 0.56 -24.07 4.20
N GLY C 352 0.66 -23.73 5.48
CA GLY C 352 0.07 -24.52 6.55
C GLY C 352 0.89 -25.70 7.00
N LEU C 353 1.81 -26.18 6.16
CA LEU C 353 2.56 -27.39 6.47
C LEU C 353 3.32 -27.28 7.79
N PHE C 354 3.65 -26.06 8.21
CA PHE C 354 4.41 -25.88 9.44
C PHE C 354 3.48 -25.82 10.63
N VAL D 2 14.96 25.10 -20.59
CA VAL D 2 13.98 24.29 -21.32
C VAL D 2 13.91 24.75 -22.77
N GLN D 3 14.01 23.79 -23.69
CA GLN D 3 13.96 24.12 -25.11
C GLN D 3 13.67 22.88 -25.93
N LEU D 4 13.02 23.09 -27.07
CA LEU D 4 12.82 22.07 -28.10
C LEU D 4 13.35 22.62 -29.41
N VAL D 5 14.07 21.78 -30.16
CA VAL D 5 14.65 22.18 -31.44
C VAL D 5 14.18 21.18 -32.49
N GLU D 6 13.46 21.69 -33.50
CA GLU D 6 12.96 20.87 -34.59
C GLU D 6 13.94 20.92 -35.76
N SER D 7 13.93 19.85 -36.55
CA SER D 7 14.78 19.79 -37.74
C SER D 7 14.27 18.71 -38.67
N GLY D 8 14.41 18.96 -39.97
CA GLY D 8 14.03 17.98 -40.97
C GLY D 8 13.34 18.57 -42.18
N GLY D 9 12.97 19.85 -42.10
CA GLY D 9 12.20 20.46 -43.15
C GLY D 9 13.03 20.86 -44.35
N GLY D 10 12.33 21.23 -45.41
CA GLY D 10 12.98 21.68 -46.63
C GLY D 10 12.12 21.33 -47.83
N LEU D 11 12.60 21.77 -48.99
CA LEU D 11 11.88 21.55 -50.23
C LEU D 11 11.79 20.06 -50.55
N VAL D 12 10.60 19.61 -50.93
CA VAL D 12 10.34 18.21 -51.23
C VAL D 12 9.67 18.10 -52.59
N GLN D 13 9.87 16.97 -53.25
CA GLN D 13 9.20 16.70 -54.51
C GLN D 13 7.72 16.42 -54.25
N PRO D 14 6.87 16.50 -55.29
CA PRO D 14 5.42 16.32 -55.08
C PRO D 14 5.08 14.98 -54.43
N GLY D 15 5.48 13.89 -55.05
CA GLY D 15 5.25 12.57 -54.49
C GLY D 15 6.47 12.02 -53.78
N GLY D 16 6.44 12.02 -52.45
CA GLY D 16 7.59 11.58 -51.69
C GLY D 16 7.27 11.54 -50.22
N SER D 17 8.33 11.36 -49.43
CA SER D 17 8.23 11.20 -47.99
C SER D 17 9.18 12.18 -47.29
N ARG D 18 9.15 12.15 -45.96
CA ARG D 18 10.02 13.01 -45.16
C ARG D 18 9.94 12.52 -43.72
N LYS D 19 10.80 13.08 -42.87
CA LYS D 19 10.87 12.69 -41.47
C LYS D 19 11.38 13.88 -40.67
N LEU D 20 10.54 14.41 -39.79
CA LEU D 20 10.90 15.56 -38.97
C LEU D 20 11.11 15.11 -37.53
N SER D 21 12.17 15.62 -36.91
CA SER D 21 12.53 15.20 -35.56
C SER D 21 12.80 16.42 -34.70
N CYS D 22 12.31 16.38 -33.47
CA CYS D 22 12.57 17.44 -32.50
C CYS D 22 13.29 16.85 -31.29
N SER D 23 14.33 17.54 -30.85
CA SER D 23 15.10 17.17 -29.67
C SER D 23 14.75 18.11 -28.53
N ALA D 24 14.41 17.55 -27.37
CA ALA D 24 13.90 18.30 -26.24
C ALA D 24 14.89 18.21 -25.09
N SER D 25 15.48 19.35 -24.72
CA SER D 25 16.48 19.40 -23.67
C SER D 25 16.03 20.37 -22.59
N GLY D 26 16.15 19.96 -21.33
CA GLY D 26 15.82 20.81 -20.21
C GLY D 26 14.65 20.36 -19.37
N PHE D 27 13.89 19.34 -19.76
CA PHE D 27 12.76 18.87 -18.96
C PHE D 27 12.66 17.36 -19.07
N ALA D 28 11.61 16.80 -18.44
CA ALA D 28 11.39 15.37 -18.39
C ALA D 28 10.51 14.96 -19.56
N PHE D 29 11.16 14.64 -20.69
CA PHE D 29 10.45 14.28 -21.91
C PHE D 29 9.57 13.05 -21.74
N SER D 30 9.88 12.19 -20.77
CA SER D 30 9.18 10.91 -20.63
C SER D 30 7.80 11.05 -20.02
N SER D 31 7.42 12.22 -19.53
CA SER D 31 6.13 12.40 -18.87
C SER D 31 5.34 13.57 -19.47
N PHE D 32 5.50 13.81 -20.76
CA PHE D 32 4.88 14.95 -21.43
C PHE D 32 4.26 14.48 -22.74
N GLY D 33 2.94 14.60 -22.86
CA GLY D 33 2.30 14.35 -24.14
C GLY D 33 2.71 15.38 -25.16
N MET D 34 2.69 14.99 -26.43
CA MET D 34 3.27 15.82 -27.48
C MET D 34 2.34 15.92 -28.68
N HIS D 35 2.14 17.14 -29.16
CA HIS D 35 1.32 17.41 -30.33
C HIS D 35 2.18 18.04 -31.42
N TRP D 36 1.80 17.80 -32.67
CA TRP D 36 2.28 18.58 -33.80
C TRP D 36 1.19 19.55 -34.24
N VAL D 37 1.58 20.71 -34.75
CA VAL D 37 0.64 21.76 -35.14
C VAL D 37 1.19 22.46 -36.38
N ARG D 38 0.40 22.50 -37.44
CA ARG D 38 0.85 23.08 -38.70
C ARG D 38 0.23 24.46 -38.90
N GLN D 39 0.92 25.30 -39.68
CA GLN D 39 0.39 26.62 -40.03
C GLN D 39 0.74 26.91 -41.48
N ALA D 40 -0.27 27.11 -42.31
CA ALA D 40 -0.05 27.37 -43.72
C ALA D 40 0.41 28.82 -43.92
N PRO D 41 1.04 29.12 -45.06
CA PRO D 41 1.48 30.51 -45.31
C PRO D 41 0.28 31.45 -45.45
N GLU D 42 0.21 32.42 -44.54
CA GLU D 42 -0.82 33.46 -44.53
C GLU D 42 -2.22 32.86 -44.35
N LYS D 43 -2.29 31.77 -43.60
CA LYS D 43 -3.53 31.15 -43.16
C LYS D 43 -3.44 30.94 -41.65
N GLY D 44 -4.49 30.39 -41.06
CA GLY D 44 -4.47 30.04 -39.66
C GLY D 44 -3.73 28.75 -39.43
N LEU D 45 -3.46 28.47 -38.17
CA LEU D 45 -2.69 27.30 -37.77
C LEU D 45 -3.65 26.19 -37.34
N GLU D 46 -3.42 24.98 -37.84
CA GLU D 46 -4.28 23.84 -37.60
C GLU D 46 -3.50 22.68 -37.01
N TRP D 47 -4.23 21.69 -36.52
CA TRP D 47 -3.69 20.61 -35.70
C TRP D 47 -3.49 19.34 -36.53
N VAL D 48 -2.52 18.52 -36.12
CA VAL D 48 -2.09 17.36 -36.90
C VAL D 48 -2.22 16.06 -36.12
N ALA D 49 -1.49 15.93 -35.01
CA ALA D 49 -1.42 14.63 -34.36
C ALA D 49 -0.97 14.79 -32.91
N TYR D 50 -1.24 13.75 -32.13
CA TYR D 50 -0.93 13.74 -30.69
C TYR D 50 -0.54 12.35 -30.25
N ILE D 51 0.56 12.27 -29.49
CA ILE D 51 1.06 11.04 -28.89
C ILE D 51 1.23 11.26 -27.39
N SER D 52 0.82 10.28 -26.60
CA SER D 52 0.69 10.44 -25.16
C SER D 52 1.91 9.90 -24.43
N SER D 53 1.96 10.18 -23.12
CA SER D 53 3.00 9.62 -22.27
C SER D 53 2.84 8.11 -22.18
N GLY D 54 3.95 7.39 -22.33
CA GLY D 54 3.90 5.96 -22.44
C GLY D 54 3.70 5.44 -23.85
N SER D 55 3.51 6.32 -24.83
CA SER D 55 3.36 5.95 -26.23
C SER D 55 2.21 4.97 -26.44
N GLY D 56 1.12 5.18 -25.68
CA GLY D 56 -0.02 4.29 -25.77
C GLY D 56 -1.09 4.73 -26.76
N THR D 57 -1.51 5.98 -26.67
CA THR D 57 -2.64 6.49 -27.45
C THR D 57 -2.15 7.49 -28.48
N ILE D 58 -2.58 7.30 -29.73
CA ILE D 58 -2.18 8.14 -30.85
C ILE D 58 -3.43 8.64 -31.55
N TYR D 59 -3.47 9.95 -31.84
CA TYR D 59 -4.60 10.56 -32.51
C TYR D 59 -4.10 11.36 -33.71
N TYR D 60 -4.86 11.25 -34.81
CA TYR D 60 -4.52 11.89 -36.07
C TYR D 60 -5.63 12.82 -36.51
N ALA D 61 -5.38 13.57 -37.58
CA ALA D 61 -6.40 14.37 -38.22
C ALA D 61 -6.99 13.60 -39.40
N ASP D 62 -8.27 13.86 -39.68
CA ASP D 62 -8.94 13.17 -40.77
C ASP D 62 -8.35 13.53 -42.13
N THR D 63 -7.61 14.62 -42.22
CA THR D 63 -6.92 14.99 -43.46
C THR D 63 -5.69 14.15 -43.71
N VAL D 64 -5.02 13.67 -42.66
CA VAL D 64 -3.76 12.95 -42.79
C VAL D 64 -3.80 11.58 -42.15
N LYS D 65 -4.96 11.07 -41.77
CA LYS D 65 -5.02 9.77 -41.12
C LYS D 65 -4.56 8.68 -42.07
N GLY D 66 -3.61 7.88 -41.60
CA GLY D 66 -3.01 6.84 -42.41
C GLY D 66 -1.89 7.29 -43.33
N ARG D 67 -1.62 8.60 -43.39
CA ARG D 67 -0.50 9.11 -44.15
C ARG D 67 0.62 9.67 -43.30
N PHE D 68 0.35 9.99 -42.03
CA PHE D 68 1.36 10.49 -41.11
C PHE D 68 1.52 9.47 -39.98
N THR D 69 2.72 9.39 -39.42
CA THR D 69 2.98 8.48 -38.31
C THR D 69 3.78 9.22 -37.24
N ILE D 70 3.39 9.10 -36.00
CA ILE D 70 4.09 9.74 -34.89
C ILE D 70 4.83 8.67 -34.12
N SER D 71 6.05 8.99 -33.66
CA SER D 71 6.83 8.04 -32.89
C SER D 71 7.69 8.79 -31.88
N ARG D 72 8.17 8.06 -30.89
CA ARG D 72 8.80 8.65 -29.72
C ARG D 72 10.00 7.83 -29.29
N ASP D 73 11.19 8.43 -29.32
CA ASP D 73 12.41 7.80 -28.80
C ASP D 73 12.64 8.41 -27.42
N ASP D 74 12.21 7.69 -26.39
CA ASP D 74 12.14 8.21 -25.04
C ASP D 74 13.51 8.22 -24.34
N PRO D 75 14.33 7.15 -24.42
CA PRO D 75 15.65 7.21 -23.77
C PRO D 75 16.51 8.38 -24.23
N LYS D 76 16.49 8.71 -25.52
CA LYS D 76 17.31 9.78 -26.05
C LYS D 76 16.58 11.10 -26.20
N ASN D 77 15.33 11.19 -25.71
CA ASN D 77 14.57 12.45 -25.68
C ASN D 77 14.41 13.04 -27.08
N THR D 78 13.68 12.32 -27.94
CA THR D 78 13.47 12.77 -29.31
C THR D 78 12.07 12.37 -29.77
N LEU D 79 11.44 13.22 -30.57
CA LEU D 79 10.11 12.97 -31.11
C LEU D 79 10.16 13.02 -32.62
N PHE D 80 9.56 12.01 -33.28
CA PHE D 80 9.60 11.88 -34.73
C PHE D 80 8.20 11.95 -35.32
N LEU D 81 8.12 12.54 -36.51
CA LEU D 81 6.94 12.50 -37.36
C LEU D 81 7.37 12.05 -38.75
N GLN D 82 6.68 11.05 -39.29
CA GLN D 82 7.04 10.41 -40.54
C GLN D 82 5.94 10.67 -41.56
N MET D 83 6.31 11.29 -42.67
CA MET D 83 5.40 11.81 -43.68
C MET D 83 5.51 10.93 -44.91
N THR D 84 4.42 10.26 -45.27
CA THR D 84 4.48 9.18 -46.25
C THR D 84 4.19 9.64 -47.67
N SER D 85 3.01 10.22 -47.89
CA SER D 85 2.58 10.69 -49.20
C SER D 85 2.28 12.17 -49.15
N LEU D 86 2.69 12.90 -50.18
CA LEU D 86 2.67 14.36 -50.15
C LEU D 86 1.89 14.95 -51.31
N ARG D 87 1.26 16.08 -51.03
CA ARG D 87 0.49 16.86 -52.00
C ARG D 87 0.74 18.34 -51.71
N SER D 88 0.32 19.19 -52.65
CA SER D 88 0.69 20.60 -52.59
C SER D 88 0.19 21.28 -51.33
N GLU D 89 -0.95 20.85 -50.79
CA GLU D 89 -1.54 21.50 -49.62
C GLU D 89 -0.92 21.04 -48.31
N ASP D 90 0.25 20.41 -48.36
CA ASP D 90 0.98 20.03 -47.16
C ASP D 90 2.06 21.03 -46.77
N THR D 91 2.37 22.00 -47.64
CA THR D 91 3.35 23.02 -47.30
C THR D 91 2.85 23.86 -46.14
N ALA D 92 3.70 24.06 -45.15
CA ALA D 92 3.33 24.77 -43.92
C ALA D 92 4.59 25.02 -43.10
N MET D 93 4.39 25.48 -41.87
CA MET D 93 5.40 25.46 -40.83
C MET D 93 4.90 24.57 -39.71
N TYR D 94 5.73 23.65 -39.26
CA TYR D 94 5.33 22.67 -38.26
C TYR D 94 5.96 23.01 -36.92
N TYR D 95 5.14 23.01 -35.87
CA TYR D 95 5.56 23.29 -34.51
C TYR D 95 5.24 22.09 -33.65
N CYS D 96 5.97 21.94 -32.55
CA CYS D 96 5.83 20.81 -31.65
C CYS D 96 5.55 21.33 -30.26
N VAL D 97 4.38 21.00 -29.73
CA VAL D 97 3.95 21.57 -28.46
C VAL D 97 3.85 20.45 -27.43
N ARG D 98 4.38 20.73 -26.24
CA ARG D 98 4.28 19.83 -25.11
C ARG D 98 2.98 20.11 -24.37
N SER D 99 2.48 19.10 -23.66
CA SER D 99 1.27 19.26 -22.87
C SER D 99 1.20 18.11 -21.88
N ILE D 100 0.95 18.42 -20.62
CA ILE D 100 0.90 17.42 -19.55
C ILE D 100 -0.45 17.52 -18.87
N TYR D 101 -1.18 16.40 -18.83
CA TYR D 101 -2.56 16.37 -18.34
C TYR D 101 -2.61 15.71 -16.98
N TYR D 102 -2.86 16.51 -15.95
CA TYR D 102 -3.32 16.05 -14.65
C TYR D 102 -4.20 17.15 -14.09
N TYR D 103 -4.79 16.90 -12.92
CA TYR D 103 -5.76 17.86 -12.41
C TYR D 103 -5.10 19.18 -12.06
N GLY D 104 -5.37 20.22 -12.85
CA GLY D 104 -4.85 21.55 -12.59
C GLY D 104 -3.65 21.95 -13.40
N SER D 105 -3.28 21.19 -14.43
CA SER D 105 -2.14 21.53 -15.25
C SER D 105 -2.53 22.59 -16.27
N SER D 106 -1.65 22.85 -17.23
CA SER D 106 -1.90 23.85 -18.28
C SER D 106 -1.27 23.39 -19.58
N PRO D 107 -1.97 22.57 -20.35
CA PRO D 107 -1.40 22.07 -21.60
C PRO D 107 -1.04 23.19 -22.57
N PHE D 108 -0.12 22.87 -23.49
CA PHE D 108 0.33 23.75 -24.56
C PHE D 108 1.22 24.89 -24.04
N ASP D 109 1.97 24.62 -22.98
CA ASP D 109 2.85 25.61 -22.37
C ASP D 109 3.93 26.14 -23.31
N PHE D 110 4.85 25.27 -23.69
CA PHE D 110 6.01 25.66 -24.47
C PHE D 110 5.85 25.12 -25.88
N TRP D 111 6.00 26.01 -26.86
CA TRP D 111 5.49 25.75 -28.20
C TRP D 111 6.58 25.29 -29.16
N GLY D 112 7.84 25.28 -28.74
CA GLY D 112 8.87 24.94 -29.69
C GLY D 112 9.08 26.08 -30.66
N GLN D 113 9.79 25.79 -31.75
CA GLN D 113 10.06 26.80 -32.76
C GLN D 113 9.69 26.36 -34.16
N GLY D 114 9.69 25.06 -34.43
CA GLY D 114 9.13 24.53 -35.65
C GLY D 114 10.05 24.71 -36.85
N THR D 115 9.79 23.91 -37.87
CA THR D 115 10.56 23.90 -39.10
C THR D 115 9.65 24.18 -40.28
N THR D 116 10.19 24.88 -41.28
CA THR D 116 9.45 25.14 -42.51
C THR D 116 9.29 23.84 -43.30
N LEU D 117 8.38 23.88 -44.26
CA LEU D 117 8.20 22.73 -45.15
C LEU D 117 7.47 23.20 -46.40
N THR D 118 8.15 23.13 -47.54
CA THR D 118 7.57 23.53 -48.81
C THR D 118 7.56 22.34 -49.76
N VAL D 119 6.43 22.14 -50.43
CA VAL D 119 6.23 21.02 -51.34
C VAL D 119 6.00 21.58 -52.74
N SER D 120 6.81 21.12 -53.69
CA SER D 120 6.70 21.61 -55.06
C SER D 120 5.37 21.20 -55.68
N SER D 121 4.93 22.00 -56.65
CA SER D 121 3.68 21.73 -57.36
C SER D 121 3.67 22.43 -58.72
N SER D 136 -20.26 17.41 -37.75
CA SER D 136 -19.56 16.52 -36.83
C SER D 136 -18.52 17.29 -36.02
N ASP D 137 -17.52 17.83 -36.70
CA ASP D 137 -16.48 18.61 -36.03
C ASP D 137 -17.06 19.93 -35.53
N ILE D 138 -16.46 20.44 -34.44
CA ILE D 138 -16.86 21.73 -33.93
C ILE D 138 -16.53 22.80 -34.99
N VAL D 139 -17.27 23.89 -34.96
CA VAL D 139 -17.02 25.03 -35.84
C VAL D 139 -16.74 26.23 -34.94
N MET D 140 -15.51 26.71 -34.98
CA MET D 140 -15.05 27.80 -34.12
C MET D 140 -14.71 28.98 -35.02
N THR D 141 -15.37 30.11 -34.80
CA THR D 141 -15.33 31.19 -35.78
C THR D 141 -14.91 32.52 -35.15
N GLN D 142 -14.08 33.26 -35.88
CA GLN D 142 -13.69 34.63 -35.54
C GLN D 142 -14.06 35.51 -36.74
N ALA D 143 -15.27 36.07 -36.72
CA ALA D 143 -15.72 36.89 -37.84
C ALA D 143 -14.92 38.17 -37.98
N THR D 144 -14.16 38.56 -36.96
CA THR D 144 -13.30 39.73 -37.05
C THR D 144 -12.13 39.46 -37.99
N SER D 145 -11.67 40.51 -38.67
CA SER D 145 -10.55 40.42 -39.60
C SER D 145 -9.37 41.29 -39.20
N SER D 146 -9.62 42.45 -38.62
CA SER D 146 -8.55 43.35 -38.16
C SER D 146 -9.16 44.43 -37.28
N VAL D 147 -8.41 44.86 -36.27
CA VAL D 147 -8.89 45.87 -35.33
C VAL D 147 -7.86 46.98 -35.19
N PRO D 148 -7.93 48.03 -35.99
CA PRO D 148 -7.02 49.17 -35.79
C PRO D 148 -7.23 49.79 -34.41
N VAL D 149 -6.11 50.15 -33.77
CA VAL D 149 -6.15 50.61 -32.39
C VAL D 149 -4.82 51.30 -32.09
N THR D 150 -4.88 52.35 -31.22
CA THR D 150 -3.76 53.15 -30.72
C THR D 150 -3.40 52.70 -29.31
N PRO D 151 -2.13 52.84 -28.90
CA PRO D 151 -1.74 52.37 -27.57
C PRO D 151 -2.47 53.12 -26.46
N GLY D 152 -2.70 52.40 -25.36
CA GLY D 152 -3.28 52.97 -24.16
C GLY D 152 -4.76 52.77 -23.96
N GLU D 153 -5.43 52.05 -24.85
CA GLU D 153 -6.87 51.85 -24.74
C GLU D 153 -7.20 50.36 -24.80
N SER D 154 -8.34 50.01 -24.22
CA SER D 154 -8.77 48.62 -24.13
C SER D 154 -9.23 48.10 -25.50
N VAL D 155 -9.02 46.80 -25.71
CA VAL D 155 -9.42 46.13 -26.93
C VAL D 155 -10.16 44.85 -26.56
N SER D 156 -11.06 44.42 -27.44
CA SER D 156 -11.82 43.19 -27.24
C SER D 156 -11.84 42.37 -28.53
N ILE D 157 -11.85 41.05 -28.36
CA ILE D 157 -11.88 40.09 -29.45
C ILE D 157 -12.93 39.04 -29.12
N SER D 158 -13.67 38.59 -30.14
CA SER D 158 -14.82 37.71 -29.94
C SER D 158 -14.61 36.39 -30.66
N CYS D 159 -15.14 35.32 -30.06
CA CYS D 159 -15.06 33.98 -30.63
C CYS D 159 -16.36 33.26 -30.34
N ARG D 160 -16.82 32.46 -31.31
CA ARG D 160 -18.11 31.78 -31.22
C ARG D 160 -17.96 30.35 -31.70
N SER D 161 -18.62 29.43 -31.01
CA SER D 161 -18.56 28.01 -31.32
C SER D 161 -19.86 27.55 -31.97
N SER D 162 -19.93 26.25 -32.27
CA SER D 162 -21.12 25.66 -32.86
C SER D 162 -21.92 24.81 -31.89
N LYS D 163 -21.28 24.30 -30.84
CA LYS D 163 -22.01 23.63 -29.75
C LYS D 163 -21.31 23.98 -28.45
N SER D 164 -22.05 23.83 -27.35
CA SER D 164 -21.57 24.29 -26.06
C SER D 164 -20.28 23.57 -25.67
N LEU D 165 -19.35 24.33 -25.10
CA LEU D 165 -18.07 23.79 -24.61
C LEU D 165 -18.10 23.50 -23.11
N LEU D 166 -19.25 23.65 -22.46
CA LEU D 166 -19.34 23.48 -21.01
C LEU D 166 -19.73 22.04 -20.70
N HIS D 167 -18.84 21.30 -20.05
CA HIS D 167 -19.07 19.91 -19.70
C HIS D 167 -19.89 19.80 -18.41
N SER D 168 -20.27 18.58 -18.06
CA SER D 168 -21.03 18.35 -16.85
C SER D 168 -20.25 18.76 -15.61
N ASN D 169 -18.94 18.48 -15.59
CA ASN D 169 -18.11 18.81 -14.45
C ASN D 169 -17.91 20.31 -14.26
N GLY D 170 -18.31 21.12 -15.24
CA GLY D 170 -18.21 22.56 -15.14
C GLY D 170 -17.00 23.16 -15.84
N ASN D 171 -15.99 22.37 -16.14
CA ASN D 171 -14.82 22.87 -16.84
C ASN D 171 -15.11 23.00 -18.33
N THR D 172 -14.92 24.20 -18.86
CA THR D 172 -15.12 24.48 -20.28
C THR D 172 -13.75 24.62 -20.95
N TYR D 173 -13.60 23.98 -22.10
CA TYR D 173 -12.27 23.78 -22.68
C TYR D 173 -12.01 24.75 -23.82
N LEU D 174 -11.97 26.04 -23.49
CA LEU D 174 -11.61 27.08 -24.43
C LEU D 174 -10.20 27.61 -24.13
N TYR D 175 -9.39 27.77 -25.17
CA TYR D 175 -8.02 28.26 -25.06
C TYR D 175 -7.84 29.48 -25.95
N TRP D 176 -7.15 30.50 -25.43
CA TRP D 176 -6.78 31.70 -26.17
C TRP D 176 -5.27 31.82 -26.17
N PHE D 177 -4.68 32.15 -27.32
CA PHE D 177 -3.25 32.44 -27.32
C PHE D 177 -2.83 33.24 -28.55
N LEU D 178 -1.65 33.85 -28.44
CA LEU D 178 -1.19 34.94 -29.29
C LEU D 178 0.10 34.58 -30.02
N GLN D 179 0.13 34.91 -31.31
CA GLN D 179 1.31 34.80 -32.14
C GLN D 179 1.74 36.18 -32.59
N ARG D 180 2.89 36.63 -32.12
CA ARG D 180 3.50 37.88 -32.56
C ARG D 180 4.15 37.69 -33.92
N PRO D 181 4.35 38.76 -34.70
CA PRO D 181 4.90 38.58 -36.03
C PRO D 181 6.39 38.27 -36.03
N GLY D 182 6.74 37.07 -36.47
CA GLY D 182 8.12 36.61 -36.49
C GLY D 182 8.48 35.63 -35.40
N GLN D 183 7.53 35.26 -34.54
CA GLN D 183 7.78 34.34 -33.44
C GLN D 183 6.77 33.21 -33.47
N SER D 184 6.91 32.30 -32.50
CA SER D 184 5.95 31.22 -32.30
C SER D 184 4.95 31.60 -31.22
N PRO D 185 3.72 31.06 -31.29
CA PRO D 185 2.69 31.48 -30.33
C PRO D 185 2.99 31.00 -28.93
N GLN D 186 2.30 31.60 -27.97
CA GLN D 186 2.49 31.31 -26.56
C GLN D 186 1.16 31.38 -25.84
N LEU D 187 0.89 30.40 -25.00
CA LEU D 187 -0.40 30.29 -24.34
C LEU D 187 -0.69 31.54 -23.51
N LEU D 188 -1.91 32.06 -23.66
CA LEU D 188 -2.38 33.19 -22.88
C LEU D 188 -3.41 32.80 -21.83
N ILE D 189 -4.45 32.09 -22.23
CA ILE D 189 -5.56 31.77 -21.34
C ILE D 189 -6.02 30.34 -21.61
N TYR D 190 -6.21 29.56 -20.55
CA TYR D 190 -6.75 28.21 -20.68
C TYR D 190 -8.03 28.06 -19.86
N ARG D 191 -9.04 27.44 -20.48
CA ARG D 191 -10.38 27.27 -19.88
C ARG D 191 -11.08 28.61 -19.64
N MET D 192 -10.80 29.56 -20.54
CA MET D 192 -11.37 30.89 -20.74
C MET D 192 -11.18 31.79 -19.53
N SER D 193 -10.62 31.26 -18.44
CA SER D 193 -10.61 31.99 -17.18
C SER D 193 -9.21 32.06 -16.59
N ASN D 194 -8.48 30.95 -16.67
CA ASN D 194 -7.17 30.84 -16.05
C ASN D 194 -6.12 31.51 -16.93
N LEU D 195 -5.16 32.15 -16.27
CA LEU D 195 -4.10 32.89 -16.94
C LEU D 195 -2.82 32.08 -16.89
N ALA D 196 -2.14 31.96 -18.03
CA ALA D 196 -0.91 31.20 -18.09
C ALA D 196 0.18 31.89 -17.26
N SER D 197 1.24 31.12 -16.96
CA SER D 197 2.29 31.58 -16.07
C SER D 197 3.37 32.27 -16.90
N GLY D 198 3.58 33.56 -16.64
CA GLY D 198 4.54 34.35 -17.37
C GLY D 198 3.96 35.40 -18.28
N VAL D 199 2.71 35.81 -18.09
CA VAL D 199 2.09 36.85 -18.89
C VAL D 199 1.50 37.91 -17.96
N PRO D 200 1.48 39.18 -18.37
CA PRO D 200 0.93 40.22 -17.49
C PRO D 200 -0.56 40.07 -17.29
N ASP D 201 -1.03 40.59 -16.16
CA ASP D 201 -2.44 40.53 -15.76
C ASP D 201 -3.33 41.47 -16.58
N ARG D 202 -2.82 42.13 -17.62
CA ARG D 202 -3.67 42.98 -18.44
C ARG D 202 -4.70 42.15 -19.20
N PHE D 203 -4.31 40.98 -19.67
CA PHE D 203 -5.21 40.14 -20.45
C PHE D 203 -6.24 39.48 -19.54
N SER D 204 -7.46 39.32 -20.07
CA SER D 204 -8.50 38.61 -19.34
C SER D 204 -9.45 37.97 -20.35
N GLY D 205 -10.14 36.93 -19.92
CA GLY D 205 -11.07 36.22 -20.78
C GLY D 205 -12.35 35.90 -20.03
N SER D 206 -13.44 35.88 -20.77
CA SER D 206 -14.75 35.63 -20.18
C SER D 206 -15.69 35.15 -21.26
N GLY D 207 -16.96 34.96 -20.89
CA GLY D 207 -17.98 34.48 -21.78
C GLY D 207 -18.65 33.25 -21.20
N SER D 208 -19.55 32.66 -21.97
CA SER D 208 -20.25 31.47 -21.54
C SER D 208 -20.91 30.82 -22.73
N GLY D 209 -21.31 29.56 -22.54
CA GLY D 209 -22.04 28.84 -23.56
C GLY D 209 -21.26 28.73 -24.85
N THR D 210 -21.70 29.48 -25.86
CA THR D 210 -21.07 29.48 -27.16
C THR D 210 -20.35 30.78 -27.50
N ALA D 211 -20.49 31.82 -26.68
CA ALA D 211 -19.91 33.13 -26.97
C ALA D 211 -18.82 33.44 -25.95
N PHE D 212 -17.61 33.75 -26.43
CA PHE D 212 -16.47 34.03 -25.57
C PHE D 212 -15.77 35.29 -26.04
N THR D 213 -15.18 36.02 -25.10
CA THR D 213 -14.50 37.27 -25.42
C THR D 213 -13.21 37.40 -24.64
N LEU D 214 -12.17 37.88 -25.32
CA LEU D 214 -10.88 38.21 -24.74
C LEU D 214 -10.73 39.72 -24.70
N THR D 215 -10.19 40.24 -23.59
CA THR D 215 -10.07 41.67 -23.40
C THR D 215 -8.65 42.03 -22.95
N ILE D 216 -8.16 43.16 -23.46
CA ILE D 216 -6.90 43.75 -23.06
C ILE D 216 -7.19 45.13 -22.50
N SER D 217 -6.75 45.38 -21.27
CA SER D 217 -7.08 46.63 -20.59
C SER D 217 -6.15 47.76 -21.01
N ARG D 218 -4.85 47.60 -20.76
CA ARG D 218 -3.85 48.60 -21.12
C ARG D 218 -3.06 48.06 -22.31
N LEU D 219 -3.06 48.81 -23.41
CA LEU D 219 -2.45 48.36 -24.65
C LEU D 219 -1.03 48.91 -24.77
N GLU D 220 -0.06 48.01 -24.87
CA GLU D 220 1.32 48.38 -25.14
C GLU D 220 1.61 48.18 -26.63
N ALA D 221 2.82 48.56 -27.04
CA ALA D 221 3.23 48.35 -28.42
C ALA D 221 3.83 46.97 -28.65
N GLU D 222 3.87 46.13 -27.63
CA GLU D 222 4.37 44.77 -27.75
C GLU D 222 3.26 43.74 -27.95
N ASP D 223 2.01 44.15 -27.90
CA ASP D 223 0.88 43.24 -27.98
C ASP D 223 0.34 43.04 -29.38
N VAL D 224 0.91 43.71 -30.38
CA VAL D 224 0.42 43.58 -31.75
C VAL D 224 0.74 42.19 -32.27
N GLY D 225 -0.23 41.57 -32.93
CA GLY D 225 -0.07 40.21 -33.41
C GLY D 225 -1.39 39.64 -33.87
N VAL D 226 -1.52 38.32 -33.77
CA VAL D 226 -2.74 37.61 -34.13
C VAL D 226 -3.16 36.71 -32.97
N TYR D 227 -4.46 36.62 -32.73
CA TYR D 227 -5.00 35.86 -31.62
C TYR D 227 -5.84 34.69 -32.12
N TYR D 228 -5.71 33.54 -31.45
CA TYR D 228 -6.41 32.33 -31.83
C TYR D 228 -7.16 31.77 -30.64
N CYS D 229 -8.38 31.29 -30.92
CA CYS D 229 -9.22 30.58 -29.96
C CYS D 229 -9.39 29.15 -30.43
N MET D 230 -9.18 28.20 -29.52
CA MET D 230 -9.24 26.78 -29.81
C MET D 230 -10.09 26.09 -28.77
N GLN D 231 -10.69 24.97 -29.16
CA GLN D 231 -11.47 24.13 -28.25
C GLN D 231 -10.76 22.81 -28.06
N HIS D 232 -10.98 22.21 -26.88
CA HIS D 232 -10.36 20.92 -26.63
C HIS D 232 -11.36 19.95 -26.00
N LEU D 233 -12.62 20.03 -26.42
CA LEU D 233 -13.64 19.08 -25.95
C LEU D 233 -13.34 17.67 -26.44
N GLU D 234 -12.99 17.54 -27.71
CA GLU D 234 -12.83 16.22 -28.31
C GLU D 234 -11.96 16.35 -29.56
N TYR D 235 -11.12 15.35 -29.77
CA TYR D 235 -10.31 15.33 -30.98
C TYR D 235 -11.22 15.07 -32.19
N PRO D 236 -10.99 15.73 -33.32
CA PRO D 236 -9.92 16.69 -33.62
C PRO D 236 -10.14 18.06 -33.00
N LEU D 237 -9.05 18.77 -32.72
CA LEU D 237 -9.12 20.12 -32.18
C LEU D 237 -9.16 21.11 -33.32
N THR D 238 -10.16 21.98 -33.31
CA THR D 238 -10.40 22.92 -34.40
C THR D 238 -9.99 24.32 -33.95
N PHE D 239 -9.11 24.94 -34.73
CA PHE D 239 -8.63 26.29 -34.46
C PHE D 239 -9.53 27.31 -35.14
N GLY D 240 -9.61 28.49 -34.52
CA GLY D 240 -10.33 29.60 -35.11
C GLY D 240 -9.52 30.24 -36.22
N ALA D 241 -10.08 31.31 -36.77
CA ALA D 241 -9.41 32.06 -37.82
C ALA D 241 -8.46 33.06 -37.18
N GLY D 242 -7.86 33.93 -37.99
CA GLY D 242 -6.92 34.92 -37.49
C GLY D 242 -7.60 36.26 -37.28
N THR D 243 -7.48 36.78 -36.05
CA THR D 243 -7.90 38.13 -35.72
C THR D 243 -6.64 38.95 -35.46
N LYS D 244 -6.42 39.96 -36.28
CA LYS D 244 -5.16 40.71 -36.28
C LYS D 244 -5.35 42.07 -35.64
N LEU D 245 -4.30 42.57 -35.00
CA LEU D 245 -4.28 43.88 -34.38
C LEU D 245 -3.19 44.74 -35.01
N GLU D 246 -3.49 46.02 -35.17
CA GLU D 246 -2.58 46.97 -35.79
C GLU D 246 -2.39 48.17 -34.87
N LEU D 247 -1.39 48.99 -35.19
CA LEU D 247 -1.10 50.15 -34.37
C LEU D 247 -1.20 51.43 -35.20
N PHE E 44 -22.45 -62.92 -23.32
CA PHE E 44 -22.68 -61.54 -22.92
C PHE E 44 -22.18 -60.58 -24.00
N LEU E 45 -21.73 -61.13 -25.12
CA LEU E 45 -21.05 -60.34 -26.14
C LEU E 45 -22.10 -59.51 -26.87
N GLU E 46 -22.23 -58.25 -26.47
CA GLU E 46 -23.06 -57.29 -27.17
C GLU E 46 -22.16 -56.29 -27.91
N ILE E 47 -22.77 -55.53 -28.81
CA ILE E 47 -22.05 -54.59 -29.66
C ILE E 47 -22.69 -53.23 -29.47
N ASP E 48 -22.02 -52.33 -28.75
CA ASP E 48 -22.43 -50.93 -28.75
C ASP E 48 -22.01 -50.30 -30.08
N LYS E 49 -20.70 -50.23 -30.31
CA LYS E 49 -20.12 -50.05 -31.63
C LYS E 49 -18.86 -50.89 -31.77
N LYS E 50 -18.51 -51.68 -30.76
CA LYS E 50 -17.29 -52.46 -30.71
C LYS E 50 -17.62 -53.84 -30.16
N ASN E 51 -16.62 -54.70 -30.07
CA ASN E 51 -16.79 -56.07 -29.56
C ASN E 51 -16.49 -56.06 -28.06
N CYS E 52 -17.50 -55.75 -27.26
CA CYS E 52 -17.32 -55.55 -25.83
C CYS E 52 -18.20 -56.51 -25.05
N CYS E 53 -17.60 -57.22 -24.09
CA CYS E 53 -18.36 -57.99 -23.12
C CYS E 53 -18.94 -57.06 -22.06
N VAL E 54 -20.18 -57.31 -21.68
CA VAL E 54 -20.86 -56.52 -20.65
C VAL E 54 -21.52 -57.47 -19.67
N PHE E 55 -21.27 -57.26 -18.39
CA PHE E 55 -21.79 -58.11 -17.33
C PHE E 55 -22.61 -57.27 -16.35
N ARG E 56 -23.71 -57.86 -15.88
CA ARG E 56 -24.59 -57.25 -14.88
C ARG E 56 -24.79 -58.28 -13.77
N ASP E 57 -23.87 -58.29 -12.82
CA ASP E 57 -23.82 -59.32 -11.78
C ASP E 57 -24.78 -58.98 -10.65
N ASP E 58 -25.34 -60.04 -10.04
CA ASP E 58 -26.22 -59.85 -8.90
C ASP E 58 -25.39 -59.78 -7.62
N PHE E 59 -24.34 -58.95 -7.64
CA PHE E 59 -23.56 -58.66 -6.44
C PHE E 59 -23.25 -57.18 -6.26
N ILE E 60 -23.31 -56.38 -7.33
CA ILE E 60 -23.05 -54.95 -7.22
C ILE E 60 -24.05 -54.31 -6.28
N VAL E 61 -25.30 -54.78 -6.30
CA VAL E 61 -26.37 -54.19 -5.49
C VAL E 61 -26.05 -54.28 -4.00
N LYS E 62 -25.45 -55.39 -3.56
CA LYS E 62 -25.25 -55.61 -2.14
C LYS E 62 -24.05 -54.87 -1.57
N VAL E 63 -23.17 -54.33 -2.42
CA VAL E 63 -21.91 -53.75 -1.97
C VAL E 63 -21.74 -52.30 -2.39
N LEU E 64 -21.95 -51.98 -3.67
CA LEU E 64 -21.67 -50.62 -4.14
C LEU E 64 -22.59 -49.56 -3.53
N PRO E 65 -23.90 -49.74 -3.46
CA PRO E 65 -24.77 -48.67 -2.94
C PRO E 65 -24.37 -48.23 -1.54
N PRO E 66 -24.20 -49.13 -0.57
CA PRO E 66 -23.80 -48.64 0.76
C PRO E 66 -22.46 -47.93 0.77
N VAL E 67 -21.48 -48.43 0.00
CA VAL E 67 -20.16 -47.81 -0.02
C VAL E 67 -20.25 -46.39 -0.57
N LEU E 68 -20.95 -46.21 -1.69
CA LEU E 68 -21.15 -44.87 -2.22
C LEU E 68 -21.99 -43.99 -1.29
N GLY E 69 -22.92 -44.58 -0.53
CA GLY E 69 -23.67 -43.79 0.42
C GLY E 69 -22.78 -43.22 1.51
N LEU E 70 -21.88 -44.03 2.06
CA LEU E 70 -20.92 -43.50 3.02
C LEU E 70 -19.97 -42.49 2.37
N GLU E 71 -19.52 -42.76 1.14
CA GLU E 71 -18.61 -41.82 0.50
C GLU E 71 -19.30 -40.55 0.02
N PHE E 72 -20.63 -40.49 0.06
CA PHE E 72 -21.39 -39.30 -0.28
C PHE E 72 -21.80 -38.50 0.95
N ILE E 73 -22.34 -39.17 1.98
CA ILE E 73 -22.83 -38.46 3.15
C ILE E 73 -21.71 -37.76 3.91
N PHE E 74 -20.47 -38.20 3.74
CA PHE E 74 -19.33 -37.62 4.44
C PHE E 74 -18.58 -36.58 3.61
N GLY E 75 -18.29 -36.88 2.35
CA GLY E 75 -17.62 -35.92 1.50
C GLY E 75 -18.44 -34.66 1.27
N LEU E 76 -19.77 -34.79 1.33
CA LEU E 76 -20.65 -33.66 1.05
C LEU E 76 -20.39 -32.51 2.03
N LEU E 77 -20.66 -32.72 3.31
CA LEU E 77 -20.39 -31.68 4.30
C LEU E 77 -18.90 -31.46 4.50
N GLY E 78 -18.08 -32.50 4.34
CA GLY E 78 -16.65 -32.34 4.50
C GLY E 78 -16.06 -31.34 3.53
N ASN E 79 -16.58 -31.30 2.31
CA ASN E 79 -16.13 -30.31 1.34
C ASN E 79 -16.96 -29.04 1.35
N GLY E 80 -18.23 -29.11 1.77
CA GLY E 80 -19.03 -27.90 1.88
C GLY E 80 -18.49 -26.96 2.95
N LEU E 81 -18.14 -27.51 4.12
CA LEU E 81 -17.57 -26.68 5.18
C LEU E 81 -16.27 -26.02 4.73
N ALA E 82 -15.40 -26.79 4.06
CA ALA E 82 -14.16 -26.23 3.55
C ALA E 82 -14.41 -25.13 2.55
N LEU E 83 -15.34 -25.35 1.61
CA LEU E 83 -15.60 -24.36 0.58
C LEU E 83 -16.33 -23.14 1.15
N TRP E 84 -16.95 -23.28 2.32
CA TRP E 84 -17.57 -22.15 3.00
C TRP E 84 -16.52 -21.30 3.70
N ILE E 85 -15.64 -21.94 4.46
CA ILE E 85 -14.59 -21.22 5.18
C ILE E 85 -13.62 -20.57 4.21
N PHE E 86 -13.34 -21.21 3.07
CA PHE E 86 -12.44 -20.64 2.07
C PHE E 86 -12.96 -19.35 1.45
N CYS E 87 -14.25 -19.04 1.59
CA CYS E 87 -14.79 -17.84 0.95
C CYS E 87 -15.43 -16.85 1.91
N PHE E 88 -15.69 -17.23 3.16
CA PHE E 88 -16.27 -16.29 4.11
C PHE E 88 -15.31 -15.89 5.22
N HIS E 89 -14.75 -16.87 5.94
CA HIS E 89 -13.97 -16.59 7.14
C HIS E 89 -12.47 -16.52 6.89
N LEU E 90 -12.02 -16.66 5.65
CA LEU E 90 -10.60 -16.57 5.33
C LEU E 90 -10.35 -15.26 4.60
N LYS E 91 -9.48 -14.42 5.15
CA LYS E 91 -9.25 -13.06 4.68
C LYS E 91 -7.78 -12.86 4.32
N SER E 92 -7.13 -13.93 3.87
CA SER E 92 -5.70 -13.88 3.56
C SER E 92 -5.43 -13.97 2.06
N TRP E 93 -5.91 -15.04 1.41
CA TRP E 93 -5.76 -15.22 -0.03
C TRP E 93 -4.31 -15.03 -0.48
N LYS E 94 -3.43 -15.89 0.03
CA LYS E 94 -2.06 -15.93 -0.44
C LYS E 94 -1.98 -16.68 -1.77
N SER E 95 -0.78 -16.80 -2.32
CA SER E 95 -0.62 -17.47 -3.60
C SER E 95 -0.61 -18.98 -3.49
N SER E 96 -0.74 -19.53 -2.29
CA SER E 96 -0.74 -20.98 -2.11
C SER E 96 -2.06 -21.49 -1.56
N ARG E 97 -2.99 -20.61 -1.21
CA ARG E 97 -4.34 -21.01 -0.81
C ARG E 97 -5.35 -20.88 -1.93
N ILE E 98 -4.95 -20.33 -3.09
CA ILE E 98 -5.76 -20.40 -4.28
C ILE E 98 -5.40 -21.61 -5.14
N PHE E 99 -4.54 -22.49 -4.64
CA PHE E 99 -4.30 -23.80 -5.20
C PHE E 99 -5.00 -24.91 -4.44
N LEU E 100 -5.38 -24.65 -3.19
CA LEU E 100 -6.21 -25.58 -2.43
C LEU E 100 -7.70 -25.32 -2.64
N PHE E 101 -8.08 -24.08 -2.98
CA PHE E 101 -9.46 -23.79 -3.30
C PHE E 101 -9.91 -24.56 -4.53
N ASN E 102 -9.07 -24.60 -5.56
CA ASN E 102 -9.37 -25.37 -6.75
C ASN E 102 -9.51 -26.86 -6.44
N LEU E 103 -8.71 -27.39 -5.51
CA LEU E 103 -8.85 -28.78 -5.11
C LEU E 103 -10.13 -28.99 -4.31
N ALA E 104 -10.58 -27.97 -3.59
CA ALA E 104 -11.81 -28.08 -2.81
C ALA E 104 -13.05 -27.88 -3.65
N VAL E 105 -12.93 -27.32 -4.86
CA VAL E 105 -14.07 -27.23 -5.76
C VAL E 105 -14.06 -28.36 -6.79
N ALA E 106 -12.91 -28.97 -7.06
CA ALA E 106 -12.83 -30.08 -8.00
C ALA E 106 -13.17 -31.43 -7.37
N ASP E 107 -13.43 -31.46 -6.07
CA ASP E 107 -13.91 -32.67 -5.40
C ASP E 107 -15.29 -32.52 -4.80
N PHE E 108 -15.82 -31.29 -4.72
CA PHE E 108 -17.22 -31.10 -4.34
C PHE E 108 -18.14 -31.44 -5.50
N LEU E 109 -17.68 -31.20 -6.73
CA LEU E 109 -18.48 -31.51 -7.91
C LEU E 109 -18.55 -33.01 -8.18
N LEU E 110 -17.62 -33.79 -7.66
CA LEU E 110 -17.65 -35.24 -7.82
C LEU E 110 -18.25 -35.91 -6.59
N ILE E 111 -19.16 -35.18 -5.94
CA ILE E 111 -19.91 -35.69 -4.81
C ILE E 111 -21.38 -35.59 -5.20
N ILE E 112 -21.78 -34.43 -5.73
CA ILE E 112 -23.15 -34.23 -6.19
C ILE E 112 -23.50 -35.16 -7.33
N CYS E 113 -22.50 -35.64 -8.08
CA CYS E 113 -22.74 -36.50 -9.23
C CYS E 113 -22.77 -37.97 -8.87
N LEU E 114 -22.70 -38.32 -7.59
CA LEU E 114 -22.73 -39.71 -7.17
C LEU E 114 -24.12 -40.32 -7.15
N PRO E 115 -25.15 -39.68 -6.57
CA PRO E 115 -26.43 -40.39 -6.38
C PRO E 115 -27.05 -40.94 -7.65
N PHE E 116 -26.90 -40.28 -8.79
CA PHE E 116 -27.42 -40.82 -10.04
C PHE E 116 -26.74 -42.14 -10.38
N LEU E 117 -25.41 -42.20 -10.25
CA LEU E 117 -24.69 -43.45 -10.48
C LEU E 117 -24.99 -44.49 -9.40
N MET E 118 -25.29 -44.04 -8.19
CA MET E 118 -25.80 -44.93 -7.15
C MET E 118 -27.09 -45.62 -7.60
N ASP E 119 -28.07 -44.85 -8.06
CA ASP E 119 -29.28 -45.42 -8.63
C ASP E 119 -28.99 -46.30 -9.83
N ASN E 120 -27.94 -45.99 -10.59
CA ASN E 120 -27.55 -46.85 -11.71
C ASN E 120 -27.19 -48.25 -11.24
N TYR E 121 -26.72 -48.39 -10.01
CA TYR E 121 -26.27 -49.75 -9.62
C TYR E 121 -27.39 -50.46 -8.89
N VAL E 122 -28.19 -49.74 -8.11
CA VAL E 122 -29.23 -50.41 -7.34
C VAL E 122 -30.25 -51.09 -8.24
N ARG E 123 -30.31 -50.72 -9.51
CA ARG E 123 -31.22 -51.34 -10.45
C ARG E 123 -30.50 -52.15 -11.52
N ARG E 124 -29.24 -52.51 -11.28
CA ARG E 124 -28.47 -53.40 -12.16
C ARG E 124 -28.36 -52.81 -13.58
N TRP E 125 -27.72 -51.65 -13.66
CA TRP E 125 -27.48 -50.95 -14.92
C TRP E 125 -28.81 -50.61 -15.62
N ASP E 126 -29.63 -49.83 -14.93
CA ASP E 126 -30.91 -49.36 -15.44
C ASP E 126 -30.97 -47.85 -15.31
N TRP E 127 -31.03 -47.15 -16.45
CA TRP E 127 -31.03 -45.69 -16.48
C TRP E 127 -32.43 -45.18 -16.83
N LYS E 128 -33.07 -44.51 -15.87
CA LYS E 128 -34.37 -43.90 -16.08
C LYS E 128 -34.31 -42.39 -16.31
N PHE E 129 -33.11 -41.81 -16.39
CA PHE E 129 -32.97 -40.36 -16.48
C PHE E 129 -32.70 -39.87 -17.89
N GLY E 130 -32.88 -40.71 -18.91
CA GLY E 130 -32.81 -40.25 -20.29
C GLY E 130 -31.38 -40.00 -20.75
N ASP E 131 -31.30 -39.41 -21.94
CA ASP E 131 -30.02 -39.28 -22.63
C ASP E 131 -29.13 -38.22 -22.00
N ILE E 132 -29.60 -36.97 -21.97
CA ILE E 132 -28.72 -35.84 -21.63
C ILE E 132 -28.03 -36.01 -20.28
N PRO E 133 -28.74 -36.34 -19.18
CA PRO E 133 -28.02 -36.54 -17.91
C PRO E 133 -27.02 -37.68 -17.98
N CYS E 134 -27.24 -38.63 -18.89
CA CYS E 134 -26.32 -39.75 -19.06
C CYS E 134 -25.05 -39.35 -19.81
N ARG E 135 -24.96 -38.11 -20.26
CA ARG E 135 -23.73 -37.56 -20.81
C ARG E 135 -23.07 -36.55 -19.90
N LEU E 136 -23.75 -36.10 -18.86
CA LEU E 136 -23.11 -35.28 -17.84
C LEU E 136 -22.53 -36.13 -16.72
N MET E 137 -23.25 -37.17 -16.30
CA MET E 137 -22.82 -38.01 -15.19
C MET E 137 -21.65 -38.91 -15.58
N LEU E 138 -21.18 -38.85 -16.82
CA LEU E 138 -19.90 -39.43 -17.19
C LEU E 138 -18.86 -38.39 -17.56
N PHE E 139 -19.24 -37.13 -17.71
CA PHE E 139 -18.27 -36.08 -17.97
C PHE E 139 -17.80 -35.41 -16.68
N MET E 140 -18.70 -35.21 -15.73
CA MET E 140 -18.30 -34.63 -14.46
C MET E 140 -17.39 -35.57 -13.68
N LEU E 141 -17.70 -36.88 -13.72
CA LEU E 141 -16.88 -37.85 -12.99
C LEU E 141 -15.48 -37.95 -13.56
N ALA E 142 -15.36 -37.90 -14.89
CA ALA E 142 -14.07 -38.05 -15.54
C ALA E 142 -13.34 -36.73 -15.73
N MET E 143 -13.90 -35.61 -15.26
CA MET E 143 -13.24 -34.33 -15.29
C MET E 143 -12.97 -33.77 -13.91
N ASN E 144 -13.66 -34.26 -12.88
CA ASN E 144 -13.35 -33.92 -11.51
C ASN E 144 -12.38 -34.91 -10.87
N ARG E 145 -12.06 -36.01 -11.57
CA ARG E 145 -11.07 -36.97 -11.11
C ARG E 145 -9.70 -36.70 -11.70
N GLN E 146 -9.64 -36.21 -12.95
CA GLN E 146 -8.38 -35.69 -13.47
C GLN E 146 -8.06 -34.32 -12.89
N GLY E 147 -9.07 -33.53 -12.56
CA GLY E 147 -8.90 -32.20 -12.06
C GLY E 147 -8.69 -32.10 -10.58
N SER E 148 -8.59 -33.23 -9.89
CA SER E 148 -8.15 -33.28 -8.51
C SER E 148 -6.72 -33.79 -8.38
N ILE E 149 -6.27 -34.62 -9.32
CA ILE E 149 -4.89 -35.09 -9.32
C ILE E 149 -3.95 -33.98 -9.79
N ILE E 150 -4.47 -33.02 -10.55
CA ILE E 150 -3.63 -31.90 -10.99
C ILE E 150 -3.39 -30.93 -9.85
N PHE E 151 -4.40 -30.68 -9.04
CA PHE E 151 -4.28 -29.79 -7.88
C PHE E 151 -3.83 -30.53 -6.64
N LEU E 152 -3.65 -31.85 -6.73
CA LEU E 152 -3.01 -32.65 -5.71
C LEU E 152 -1.52 -32.81 -5.97
N THR E 153 -1.02 -32.32 -7.10
CA THR E 153 0.38 -32.36 -7.48
C THR E 153 1.02 -30.98 -7.51
N VAL E 154 0.22 -29.93 -7.74
CA VAL E 154 0.75 -28.57 -7.67
C VAL E 154 1.16 -28.21 -6.26
N VAL E 155 0.40 -28.68 -5.27
CA VAL E 155 0.76 -28.41 -3.88
C VAL E 155 2.09 -29.08 -3.53
N ALA E 156 2.34 -30.27 -4.07
CA ALA E 156 3.56 -31.00 -3.79
C ALA E 156 4.74 -30.57 -4.64
N VAL E 157 4.61 -29.48 -5.39
CA VAL E 157 5.74 -28.82 -6.05
C VAL E 157 5.92 -27.48 -5.36
N ASP E 158 4.79 -26.85 -5.03
CA ASP E 158 4.80 -25.69 -4.15
C ASP E 158 5.67 -25.92 -2.92
N ARG E 159 5.37 -26.99 -2.17
CA ARG E 159 6.12 -27.25 -0.94
C ARG E 159 7.59 -27.53 -1.21
N TYR E 160 7.89 -28.27 -2.28
CA TYR E 160 9.27 -28.56 -2.63
C TYR E 160 10.07 -27.30 -2.85
N PHE E 161 9.51 -26.36 -3.64
CA PHE E 161 10.19 -25.08 -3.79
C PHE E 161 10.24 -24.28 -2.49
N ARG E 162 9.23 -24.41 -1.63
CA ARG E 162 9.22 -23.71 -0.37
C ARG E 162 10.26 -24.21 0.62
N VAL E 163 10.79 -25.42 0.45
CA VAL E 163 11.71 -26.01 1.42
C VAL E 163 13.14 -26.07 0.90
N VAL E 164 13.36 -26.72 -0.25
CA VAL E 164 14.72 -26.96 -0.69
C VAL E 164 15.33 -25.78 -1.44
N HIS E 165 14.50 -24.85 -1.95
CA HIS E 165 14.98 -23.66 -2.66
C HIS E 165 14.35 -22.42 -2.06
N PRO E 166 14.68 -22.08 -0.82
CA PRO E 166 14.12 -20.86 -0.23
C PRO E 166 14.71 -19.64 -0.91
N HIS E 167 14.05 -18.49 -0.75
CA HIS E 167 14.38 -17.26 -1.48
C HIS E 167 14.69 -17.55 -2.95
N HIS E 168 13.70 -18.10 -3.63
CA HIS E 168 13.65 -18.24 -5.07
C HIS E 168 12.67 -17.20 -5.61
N ALA E 169 12.58 -17.11 -6.93
CA ALA E 169 11.64 -16.17 -7.54
C ALA E 169 10.22 -16.68 -7.59
N LEU E 170 10.01 -17.99 -7.42
CA LEU E 170 8.69 -18.59 -7.58
C LEU E 170 7.95 -18.71 -6.26
N ASN E 171 8.58 -18.42 -5.13
CA ASN E 171 7.91 -18.44 -3.84
C ASN E 171 7.25 -17.11 -3.51
N LYS E 172 7.28 -16.14 -4.42
CA LYS E 172 6.71 -14.82 -4.21
C LYS E 172 5.91 -14.36 -5.41
N ILE E 173 5.18 -15.27 -6.04
CA ILE E 173 4.35 -14.91 -7.17
C ILE E 173 3.06 -14.30 -6.66
N SER E 174 2.44 -13.47 -7.49
CA SER E 174 1.24 -12.75 -7.12
C SER E 174 0.00 -13.60 -7.39
N ASN E 175 -1.07 -13.30 -6.67
CA ASN E 175 -2.30 -14.08 -6.80
C ASN E 175 -3.17 -13.59 -7.96
N ARG E 176 -2.56 -12.91 -8.93
CA ARG E 176 -3.14 -12.73 -10.25
C ARG E 176 -2.38 -13.45 -11.34
N THR E 177 -1.15 -13.90 -11.06
CA THR E 177 -0.45 -14.87 -11.89
C THR E 177 -0.49 -16.27 -11.31
N ALA E 178 -1.18 -16.44 -10.18
CA ALA E 178 -1.51 -17.75 -9.64
C ALA E 178 -2.96 -18.13 -9.85
N ALA E 179 -3.77 -17.22 -10.41
CA ALA E 179 -5.12 -17.56 -10.85
C ALA E 179 -5.17 -17.82 -12.35
N ILE E 180 -4.22 -17.25 -13.11
CA ILE E 180 -4.11 -17.56 -14.52
C ILE E 180 -3.69 -19.02 -14.72
N ILE E 181 -2.72 -19.47 -13.92
CA ILE E 181 -2.29 -20.86 -14.03
C ILE E 181 -3.40 -21.79 -13.58
N SER E 182 -4.22 -21.37 -12.60
CA SER E 182 -5.41 -22.14 -12.24
C SER E 182 -6.39 -22.22 -13.41
N CYS E 183 -6.61 -21.10 -14.09
CA CYS E 183 -7.54 -21.08 -15.22
C CYS E 183 -7.01 -21.86 -16.43
N LEU E 184 -5.70 -22.11 -16.48
CA LEU E 184 -5.16 -22.95 -17.54
C LEU E 184 -5.16 -24.43 -17.15
N LEU E 185 -4.94 -24.74 -15.88
CA LEU E 185 -5.06 -26.12 -15.43
C LEU E 185 -6.50 -26.59 -15.48
N TRP E 186 -7.45 -25.69 -15.26
CA TRP E 186 -8.86 -25.99 -15.51
C TRP E 186 -9.19 -26.06 -16.99
N GLY E 187 -8.27 -25.65 -17.85
CA GLY E 187 -8.52 -25.66 -19.28
C GLY E 187 -7.90 -26.85 -19.97
N ILE E 188 -6.88 -27.44 -19.32
CA ILE E 188 -6.34 -28.71 -19.83
C ILE E 188 -7.04 -29.90 -19.22
N THR E 189 -7.75 -29.72 -18.11
CA THR E 189 -8.60 -30.77 -17.57
C THR E 189 -9.81 -31.00 -18.46
N ILE E 190 -10.36 -29.93 -19.05
CA ILE E 190 -11.60 -30.02 -19.81
C ILE E 190 -11.31 -30.45 -21.24
N GLY E 191 -10.20 -30.00 -21.82
CA GLY E 191 -9.90 -30.31 -23.21
C GLY E 191 -9.69 -31.77 -23.49
N LEU E 192 -9.24 -32.55 -22.51
CA LEU E 192 -9.01 -33.98 -22.68
C LEU E 192 -10.19 -34.83 -22.22
N THR E 193 -11.34 -34.20 -21.98
CA THR E 193 -12.48 -34.89 -21.39
C THR E 193 -13.80 -34.59 -22.08
N VAL E 194 -13.83 -33.72 -23.09
CA VAL E 194 -15.10 -33.33 -23.69
C VAL E 194 -15.60 -34.35 -24.72
N HIS E 195 -14.77 -35.32 -25.12
CA HIS E 195 -15.26 -36.30 -26.07
C HIS E 195 -16.35 -37.19 -25.49
N LEU E 196 -16.51 -37.20 -24.17
CA LEU E 196 -17.61 -37.91 -23.51
C LEU E 196 -18.95 -37.22 -23.74
N LEU E 197 -18.96 -36.01 -24.29
CA LEU E 197 -20.20 -35.31 -24.59
C LEU E 197 -20.66 -35.49 -26.02
N LYS E 198 -19.74 -35.76 -26.94
CA LYS E 198 -20.07 -35.93 -28.36
C LYS E 198 -20.27 -37.41 -28.72
N LYS E 199 -21.13 -38.10 -27.98
CA LYS E 199 -21.38 -39.51 -28.23
C LYS E 199 -22.76 -39.88 -27.69
N LYS E 200 -23.57 -40.52 -28.54
CA LYS E 200 -24.86 -41.01 -28.09
C LYS E 200 -24.65 -42.12 -27.09
N MET E 201 -24.77 -41.77 -25.81
CA MET E 201 -24.29 -42.61 -24.72
C MET E 201 -25.20 -43.81 -24.44
N PRO E 202 -26.52 -43.62 -24.17
CA PRO E 202 -27.34 -44.78 -23.76
C PRO E 202 -27.41 -45.88 -24.82
N ILE E 203 -27.10 -47.12 -24.41
CA ILE E 203 -27.14 -48.28 -25.30
C ILE E 203 -28.14 -49.29 -24.76
N GLN E 204 -28.83 -49.96 -25.69
CA GLN E 204 -29.70 -51.07 -25.33
C GLN E 204 -28.86 -52.28 -24.91
N ASN E 205 -29.24 -52.90 -23.79
CA ASN E 205 -28.61 -54.12 -23.30
C ASN E 205 -29.56 -55.29 -23.44
N GLY E 206 -30.45 -55.22 -24.42
CA GLY E 206 -31.50 -56.20 -24.56
C GLY E 206 -32.73 -55.82 -23.76
N GLY E 207 -32.59 -55.79 -22.44
CA GLY E 207 -33.70 -55.44 -21.56
C GLY E 207 -33.64 -54.05 -21.00
N ALA E 208 -32.44 -53.59 -20.64
CA ALA E 208 -32.24 -52.34 -19.93
C ALA E 208 -31.38 -51.38 -20.73
N ASN E 209 -31.04 -50.24 -20.12
CA ASN E 209 -30.17 -49.24 -20.70
C ASN E 209 -29.03 -48.95 -19.74
N LEU E 210 -27.80 -49.09 -20.21
CA LEU E 210 -26.62 -48.90 -19.38
C LEU E 210 -25.94 -47.58 -19.72
N CYS E 211 -25.36 -46.96 -18.69
CA CYS E 211 -24.62 -45.70 -18.88
C CYS E 211 -23.23 -45.98 -18.31
N SER E 212 -22.29 -46.53 -19.09
CA SER E 212 -20.91 -46.71 -18.56
C SER E 212 -19.80 -46.44 -19.58
N SER E 213 -18.86 -45.56 -19.26
CA SER E 213 -17.68 -45.16 -20.07
C SER E 213 -16.65 -46.26 -20.08
N PHE E 214 -16.73 -47.16 -19.12
CA PHE E 214 -15.77 -48.26 -18.89
C PHE E 214 -16.48 -49.53 -19.25
N SER E 215 -15.85 -50.32 -20.04
CA SER E 215 -16.36 -51.60 -20.50
C SER E 215 -15.20 -52.36 -21.14
N ILE E 216 -15.27 -53.68 -21.07
CA ILE E 216 -14.16 -54.48 -21.57
C ILE E 216 -14.31 -54.59 -23.07
N CYS E 217 -13.75 -53.62 -23.79
CA CYS E 217 -13.79 -53.62 -25.24
C CYS E 217 -12.48 -54.17 -25.78
N HIS E 218 -12.30 -54.10 -27.10
CA HIS E 218 -11.14 -54.70 -27.73
C HIS E 218 -10.42 -53.75 -28.69
N THR E 219 -10.83 -52.50 -28.76
CA THR E 219 -10.19 -51.50 -29.60
C THR E 219 -9.52 -50.46 -28.73
N PHE E 220 -8.39 -49.93 -29.22
CA PHE E 220 -7.63 -48.94 -28.45
C PHE E 220 -8.47 -47.70 -28.19
N GLN E 221 -8.30 -47.14 -27.00
CA GLN E 221 -9.02 -45.92 -26.63
C GLN E 221 -8.07 -44.89 -26.04
N TRP E 222 -8.59 -43.70 -25.74
CA TRP E 222 -7.84 -42.68 -25.04
C TRP E 222 -8.21 -42.57 -23.58
N HIS E 223 -9.37 -43.07 -23.18
CA HIS E 223 -9.77 -43.00 -21.77
C HIS E 223 -8.93 -43.94 -20.91
N GLU E 224 -8.44 -45.03 -21.48
CA GLU E 224 -7.66 -45.99 -20.69
C GLU E 224 -6.22 -45.52 -20.52
N ALA E 225 -5.59 -45.05 -21.60
CA ALA E 225 -4.26 -44.48 -21.49
C ALA E 225 -4.26 -43.28 -20.55
N MET E 226 -5.32 -42.47 -20.59
CA MET E 226 -5.45 -41.36 -19.67
C MET E 226 -5.88 -41.82 -18.28
N PHE E 227 -6.35 -43.06 -18.13
CA PHE E 227 -6.55 -43.62 -16.80
C PHE E 227 -5.21 -44.00 -16.17
N LEU E 228 -4.28 -44.53 -16.97
CA LEU E 228 -2.99 -44.94 -16.43
C LEU E 228 -2.02 -43.76 -16.26
N LEU E 229 -2.02 -42.83 -17.22
CA LEU E 229 -1.08 -41.71 -17.23
C LEU E 229 -1.42 -40.66 -16.18
N GLU E 230 -2.63 -40.67 -15.63
CA GLU E 230 -2.97 -39.76 -14.55
C GLU E 230 -2.52 -40.31 -13.19
N PHE E 231 -1.97 -41.52 -13.17
CA PHE E 231 -1.39 -42.10 -11.97
C PHE E 231 0.13 -42.21 -12.04
N PHE E 232 0.67 -42.73 -13.14
CA PHE E 232 2.11 -43.02 -13.14
C PHE E 232 2.95 -41.75 -13.17
N LEU E 233 2.46 -40.67 -13.76
CA LEU E 233 3.22 -39.42 -13.77
C LEU E 233 3.15 -38.67 -12.44
N PRO E 234 1.97 -38.38 -11.89
CA PRO E 234 1.93 -37.67 -10.60
C PRO E 234 2.61 -38.44 -9.47
N LEU E 235 2.66 -39.77 -9.55
CA LEU E 235 3.43 -40.52 -8.56
C LEU E 235 4.92 -40.22 -8.69
N GLY E 236 5.43 -40.18 -9.92
CA GLY E 236 6.82 -39.89 -10.14
C GLY E 236 7.19 -38.48 -9.76
N ILE E 237 6.21 -37.57 -9.70
CA ILE E 237 6.50 -36.24 -9.17
C ILE E 237 6.41 -36.22 -7.64
N ILE E 238 5.36 -36.82 -7.08
CA ILE E 238 5.11 -36.71 -5.65
C ILE E 238 6.19 -37.42 -4.85
N LEU E 239 6.63 -38.60 -5.31
CA LEU E 239 7.65 -39.32 -4.55
C LEU E 239 8.98 -38.57 -4.53
N PHE E 240 9.40 -38.05 -5.69
CA PHE E 240 10.62 -37.26 -5.75
C PHE E 240 10.54 -36.06 -4.81
N CYS E 241 9.46 -35.29 -4.91
CA CYS E 241 9.37 -34.08 -4.09
C CYS E 241 9.32 -34.41 -2.61
N SER E 242 8.52 -35.40 -2.21
CA SER E 242 8.38 -35.75 -0.81
C SER E 242 9.58 -36.47 -0.24
N ALA E 243 10.47 -37.00 -1.08
CA ALA E 243 11.72 -37.55 -0.57
C ALA E 243 12.77 -36.45 -0.41
N ARG E 244 12.86 -35.54 -1.38
CA ARG E 244 13.86 -34.50 -1.27
C ARG E 244 13.54 -33.48 -0.19
N ILE E 245 12.26 -33.19 0.05
CA ILE E 245 11.91 -32.32 1.18
C ILE E 245 12.39 -32.94 2.49
N ILE E 246 12.16 -34.25 2.66
CA ILE E 246 12.50 -34.90 3.91
C ILE E 246 14.01 -35.00 4.09
N TRP E 247 14.73 -35.27 3.01
CA TRP E 247 16.19 -35.35 3.14
C TRP E 247 16.80 -33.98 3.39
N SER E 248 16.42 -32.97 2.59
CA SER E 248 17.01 -31.65 2.70
C SER E 248 16.48 -30.86 3.89
N LEU E 249 15.51 -31.40 4.62
CA LEU E 249 15.13 -30.87 5.92
C LEU E 249 15.84 -31.61 7.03
N ARG E 250 16.81 -32.45 6.70
CA ARG E 250 17.47 -33.31 7.67
C ARG E 250 18.99 -33.24 7.66
N GLN E 251 19.62 -32.93 6.52
CA GLN E 251 21.05 -32.66 6.54
C GLN E 251 21.37 -31.29 7.12
N ARG E 252 20.38 -30.41 7.20
CA ARG E 252 20.55 -29.09 7.79
C ARG E 252 20.32 -29.08 9.29
N GLN E 253 20.11 -30.24 9.91
CA GLN E 253 19.87 -30.36 11.34
C GLN E 253 18.69 -29.50 11.80
N MET E 254 17.70 -29.34 10.93
CA MET E 254 16.50 -28.58 11.28
C MET E 254 15.44 -29.43 11.97
N ASP E 255 15.62 -30.75 12.04
CA ASP E 255 14.62 -31.64 12.64
C ASP E 255 14.91 -31.89 14.12
N ARG E 256 14.95 -30.79 14.87
CA ARG E 256 14.97 -30.86 16.32
C ARG E 256 13.82 -30.10 16.96
N HIS E 257 13.11 -29.26 16.21
CA HIS E 257 11.99 -28.52 16.75
C HIS E 257 10.77 -29.43 16.81
N ALA E 258 9.84 -29.12 17.73
CA ALA E 258 8.67 -29.95 17.95
C ALA E 258 7.53 -29.66 16.98
N LYS E 259 7.63 -28.61 16.17
CA LYS E 259 6.61 -28.29 15.18
C LYS E 259 7.05 -28.63 13.76
N ILE E 260 8.31 -29.02 13.56
CA ILE E 260 8.79 -29.41 12.24
C ILE E 260 9.11 -30.89 12.18
N LYS E 261 9.06 -31.59 13.32
CA LYS E 261 9.04 -33.05 13.31
C LYS E 261 7.64 -33.60 13.09
N ARG E 262 6.61 -32.78 13.34
CA ARG E 262 5.24 -33.09 12.97
C ARG E 262 4.99 -32.95 11.48
N ALA E 263 5.63 -31.96 10.84
CA ALA E 263 5.44 -31.73 9.41
C ALA E 263 6.16 -32.75 8.54
N ILE E 264 6.83 -33.72 9.14
CA ILE E 264 7.45 -34.78 8.35
C ILE E 264 6.54 -36.00 8.28
N THR E 265 5.66 -36.15 9.28
CA THR E 265 4.65 -37.19 9.21
C THR E 265 3.61 -36.88 8.15
N PHE E 266 3.15 -35.63 8.10
CA PHE E 266 2.13 -35.22 7.14
C PHE E 266 2.65 -35.05 5.73
N ILE E 267 3.93 -35.31 5.49
CA ILE E 267 4.45 -35.38 4.13
C ILE E 267 4.56 -36.82 3.66
N MET E 268 4.72 -37.78 4.59
CA MET E 268 4.66 -39.19 4.24
C MET E 268 3.23 -39.70 4.19
N VAL E 269 2.33 -39.17 5.02
CA VAL E 269 0.93 -39.56 4.99
C VAL E 269 0.30 -39.21 3.65
N VAL E 270 0.59 -38.01 3.14
CA VAL E 270 0.01 -37.57 1.88
C VAL E 270 0.42 -38.49 0.74
N ALA E 271 1.67 -38.99 0.77
CA ALA E 271 2.09 -39.93 -0.24
C ALA E 271 1.76 -41.37 0.11
N ILE E 272 1.21 -41.62 1.31
CA ILE E 272 0.75 -42.95 1.66
C ILE E 272 -0.69 -43.15 1.22
N VAL E 273 -1.57 -42.20 1.51
CA VAL E 273 -2.90 -42.30 0.94
C VAL E 273 -2.89 -41.57 -0.40
N PHE E 274 -2.15 -42.14 -1.34
CA PHE E 274 -2.30 -41.96 -2.79
C PHE E 274 -2.09 -43.25 -3.53
N VAL E 275 -1.37 -44.22 -2.93
CA VAL E 275 -1.25 -45.57 -3.45
C VAL E 275 -2.25 -46.51 -2.79
N ILE E 276 -2.73 -46.18 -1.59
CA ILE E 276 -3.84 -46.93 -1.01
C ILE E 276 -5.10 -46.75 -1.86
N CYS E 277 -5.28 -45.56 -2.43
CA CYS E 277 -6.50 -45.22 -3.15
C CYS E 277 -6.41 -45.56 -4.63
N PHE E 278 -5.43 -45.01 -5.33
CA PHE E 278 -5.43 -45.07 -6.80
C PHE E 278 -4.72 -46.29 -7.38
N LEU E 279 -3.98 -47.05 -6.56
CA LEU E 279 -3.27 -48.20 -7.12
C LEU E 279 -4.16 -49.42 -7.33
N PRO E 280 -5.01 -49.82 -6.38
CA PRO E 280 -5.76 -51.07 -6.57
C PRO E 280 -6.58 -51.12 -7.85
N SER E 281 -7.06 -49.98 -8.34
CA SER E 281 -7.85 -49.96 -9.57
C SER E 281 -7.01 -49.84 -10.83
N VAL E 282 -5.69 -49.72 -10.70
CA VAL E 282 -4.82 -49.72 -11.87
C VAL E 282 -4.27 -51.11 -12.16
N VAL E 283 -3.95 -51.88 -11.11
CA VAL E 283 -3.48 -53.24 -11.31
C VAL E 283 -4.57 -54.10 -11.96
N VAL E 284 -5.82 -53.88 -11.60
CA VAL E 284 -6.91 -54.65 -12.21
C VAL E 284 -7.08 -54.29 -13.67
N ARG E 285 -6.90 -53.02 -14.03
CA ARG E 285 -6.95 -52.66 -15.45
C ARG E 285 -5.79 -53.25 -16.22
N ILE E 286 -4.61 -53.33 -15.59
CA ILE E 286 -3.48 -54.01 -16.23
C ILE E 286 -3.81 -55.48 -16.44
N ARG E 287 -4.47 -56.09 -15.46
CA ARG E 287 -4.90 -57.48 -15.61
C ARG E 287 -5.91 -57.63 -16.75
N ILE E 288 -6.82 -56.66 -16.89
CA ILE E 288 -7.76 -56.65 -18.00
C ILE E 288 -7.01 -56.59 -19.33
N PHE E 289 -6.00 -55.71 -19.42
CA PHE E 289 -5.22 -55.60 -20.64
C PHE E 289 -4.53 -56.91 -20.97
N TRP E 290 -3.94 -57.56 -19.96
CA TRP E 290 -3.23 -58.82 -20.21
C TRP E 290 -4.20 -59.92 -20.61
N LEU E 291 -5.39 -59.96 -20.01
CA LEU E 291 -6.37 -60.97 -20.37
C LEU E 291 -6.93 -60.74 -21.76
N LEU E 292 -7.06 -59.47 -22.17
CA LEU E 292 -7.45 -59.16 -23.53
C LEU E 292 -6.39 -59.54 -24.55
N HIS E 293 -5.12 -59.39 -24.19
CA HIS E 293 -4.04 -59.77 -25.10
C HIS E 293 -3.85 -61.27 -25.20
N THR E 294 -3.87 -61.98 -24.07
CA THR E 294 -3.66 -63.44 -24.10
C THR E 294 -4.78 -64.14 -24.84
N SER E 295 -6.03 -63.75 -24.59
CA SER E 295 -7.18 -64.35 -25.23
C SER E 295 -8.08 -63.25 -25.77
N GLY E 296 -8.47 -63.38 -27.03
CA GLY E 296 -9.33 -62.40 -27.66
C GLY E 296 -10.72 -62.41 -27.06
N THR E 297 -11.50 -61.41 -27.45
CA THR E 297 -12.87 -61.24 -26.94
C THR E 297 -13.78 -62.28 -27.60
N GLN E 298 -13.52 -63.54 -27.24
CA GLN E 298 -14.24 -64.68 -27.78
C GLN E 298 -15.00 -65.46 -26.72
N ASN E 299 -14.52 -65.48 -25.48
CA ASN E 299 -15.19 -66.16 -24.37
C ASN E 299 -15.20 -65.15 -23.22
N CYS E 300 -16.37 -64.58 -22.94
CA CYS E 300 -16.48 -63.54 -21.93
C CYS E 300 -16.41 -64.09 -20.50
N GLU E 301 -16.69 -65.38 -20.31
CA GLU E 301 -16.68 -65.96 -18.97
C GLU E 301 -15.36 -65.75 -18.25
N VAL E 302 -14.25 -65.66 -18.99
CA VAL E 302 -12.94 -65.44 -18.39
C VAL E 302 -12.95 -64.17 -17.54
N TYR E 303 -13.59 -63.12 -18.05
CA TYR E 303 -13.61 -61.84 -17.36
C TYR E 303 -14.61 -61.81 -16.21
N ARG E 304 -15.44 -62.86 -16.07
CA ARG E 304 -16.60 -62.80 -15.19
C ARG E 304 -16.25 -62.31 -13.80
N SER E 305 -15.09 -62.70 -13.27
CA SER E 305 -14.63 -62.23 -11.97
C SER E 305 -14.01 -60.84 -12.03
N VAL E 306 -13.01 -60.65 -12.90
CA VAL E 306 -12.15 -59.47 -12.80
C VAL E 306 -12.98 -58.19 -12.91
N ASP E 307 -13.91 -58.15 -13.87
CA ASP E 307 -14.73 -56.94 -14.04
C ASP E 307 -15.44 -56.58 -12.75
N LEU E 308 -16.06 -57.57 -12.09
CA LEU E 308 -16.69 -57.29 -10.81
C LEU E 308 -15.71 -56.61 -9.87
N ALA E 309 -14.53 -57.22 -9.70
CA ALA E 309 -13.52 -56.64 -8.82
C ALA E 309 -13.25 -55.19 -9.17
N PHE E 310 -13.16 -54.87 -10.47
CA PHE E 310 -12.83 -53.51 -10.86
C PHE E 310 -13.84 -52.53 -10.33
N PHE E 311 -15.13 -52.84 -10.42
CA PHE E 311 -16.12 -51.87 -10.00
C PHE E 311 -16.21 -51.71 -8.48
N ILE E 312 -15.51 -52.55 -7.72
CA ILE E 312 -15.27 -52.22 -6.32
C ILE E 312 -14.00 -51.40 -6.16
N THR E 313 -12.93 -51.77 -6.86
CA THR E 313 -11.65 -51.08 -6.68
C THR E 313 -11.75 -49.63 -7.13
N LEU E 314 -12.43 -49.38 -8.25
CA LEU E 314 -12.67 -48.01 -8.70
C LEU E 314 -13.39 -47.19 -7.65
N SER E 315 -14.19 -47.83 -6.80
CA SER E 315 -14.91 -47.13 -5.75
C SER E 315 -13.98 -46.53 -4.71
N PHE E 316 -12.70 -46.92 -4.71
CA PHE E 316 -11.74 -46.26 -3.82
C PHE E 316 -11.42 -44.85 -4.29
N THR E 317 -11.51 -44.60 -5.60
CA THR E 317 -11.10 -43.31 -6.14
C THR E 317 -11.91 -42.17 -5.53
N TYR E 318 -13.15 -42.40 -5.25
CA TYR E 318 -14.10 -41.40 -4.75
C TYR E 318 -13.91 -41.25 -3.25
N MET E 319 -13.18 -42.14 -2.59
CA MET E 319 -12.89 -42.03 -1.16
C MET E 319 -11.92 -40.90 -0.89
N ASN E 320 -11.01 -40.64 -1.84
CA ASN E 320 -10.12 -39.48 -1.74
C ASN E 320 -10.92 -38.20 -1.50
N SER E 321 -11.90 -37.94 -2.36
CA SER E 321 -12.69 -36.73 -2.28
C SER E 321 -13.48 -36.68 -0.97
N MET E 322 -13.46 -37.78 -0.22
CA MET E 322 -14.01 -37.84 1.12
C MET E 322 -13.00 -37.50 2.19
N LEU E 323 -11.80 -38.07 2.12
CA LEU E 323 -10.75 -37.83 3.10
C LEU E 323 -9.64 -36.91 2.58
N ASP E 324 -9.94 -36.11 1.55
CA ASP E 324 -8.99 -35.12 1.07
C ASP E 324 -8.96 -33.87 1.95
N PRO E 325 -10.11 -33.33 2.39
CA PRO E 325 -10.06 -32.15 3.27
C PRO E 325 -9.54 -32.44 4.67
N VAL E 326 -9.38 -33.70 5.05
CA VAL E 326 -8.95 -34.01 6.41
C VAL E 326 -7.43 -34.11 6.53
N VAL E 327 -6.71 -34.36 5.43
CA VAL E 327 -5.25 -34.40 5.45
C VAL E 327 -4.63 -33.25 4.68
N TYR E 328 -5.41 -32.24 4.29
CA TYR E 328 -4.89 -31.07 3.61
C TYR E 328 -5.33 -29.75 4.22
N TYR E 329 -6.51 -29.68 4.82
CA TYR E 329 -7.07 -28.43 5.34
C TYR E 329 -7.13 -28.40 6.86
N PHE E 330 -7.74 -29.41 7.48
CA PHE E 330 -7.94 -29.37 8.93
C PHE E 330 -6.71 -29.83 9.69
N SER E 331 -6.00 -30.83 9.18
CA SER E 331 -4.79 -31.32 9.85
C SER E 331 -3.56 -30.59 9.33
N SER E 332 -3.59 -29.27 9.46
CA SER E 332 -2.49 -28.39 9.06
C SER E 332 -2.77 -26.96 9.53
#